data_6M4Z
#
_entry.id   6M4Z
#
_cell.length_a   173.080
_cell.length_b   173.080
_cell.length_c   118.337
_cell.angle_alpha   90.000
_cell.angle_beta   90.000
_cell.angle_gamma   120.000
#
_symmetry.space_group_name_H-M   'P 65'
#
loop_
_entity.id
_entity.type
_entity.pdbx_description
1 polymer 'Soluble acetylcholine receptor'
2 polymer 'Alpha-conotoxin LvIA'
#
loop_
_entity_poly.entity_id
_entity_poly.type
_entity_poly.pdbx_seq_one_letter_code
_entity_poly.pdbx_strand_id
1 'polypeptide(L)'
;SQANLMRLKSDLFNRSPMYPGPTKDDPLTVTLGFTLQDIVKVDSSTNEVDLVYYEQQRWKLNSLMWDPNEYGNITDFRTS
AADIWTPDITAYSSTRPVQVLSPQIAVVTHDGSVMFIPAQRLSFMCDPTGVDSEEGVTCAVKFGSWVYSGFEIDLKTDTD
QVDLSSYYASSKYEILSATQTRQVQHYSCCPEPYIDVNLVVKFRERR
;
A,B,D,G,I
2 'polypeptide(L)' GCCSHPACNVAHPEIC(NH2) F,C,E,H,J
#
loop_
_chem_comp.id
_chem_comp.type
_chem_comp.name
_chem_comp.formula
NH2 non-polymer 'AMINO GROUP' 'H2 N'
#
# COMPACT_ATOMS: atom_id res chain seq x y z
N SER A 1 -9.62 20.02 -32.23
CA SER A 1 -8.63 18.99 -31.94
C SER A 1 -8.46 18.71 -30.41
N GLN A 2 -7.56 17.74 -30.10
CA GLN A 2 -7.17 17.47 -28.73
C GLN A 2 -6.37 18.63 -28.12
N ALA A 3 -5.88 19.55 -28.94
CA ALA A 3 -5.26 20.76 -28.40
C ALA A 3 -6.30 21.66 -27.76
N ASN A 4 -7.49 21.74 -28.36
CA ASN A 4 -8.60 22.46 -27.74
C ASN A 4 -8.95 21.88 -26.39
N LEU A 5 -9.12 20.54 -26.34
CA LEU A 5 -9.37 19.87 -25.07
C LEU A 5 -8.31 20.22 -24.03
N MET A 6 -7.03 20.19 -24.43
CA MET A 6 -5.96 20.49 -23.48
C MET A 6 -6.06 21.90 -22.93
N ARG A 7 -6.50 22.85 -23.76
CA ARG A 7 -6.63 24.22 -23.27
C ARG A 7 -7.82 24.36 -22.33
N LEU A 8 -8.96 23.76 -22.68
CA LEU A 8 -10.11 23.76 -21.80
C LEU A 8 -9.76 23.17 -20.43
N LYS A 9 -9.13 21.99 -20.42
CA LYS A 9 -8.72 21.39 -19.15
C LYS A 9 -7.81 22.34 -18.39
N SER A 10 -6.99 23.11 -19.09
CA SER A 10 -6.06 24.01 -18.40
C SER A 10 -6.78 25.21 -17.81
N ASP A 11 -7.73 25.78 -18.55
CA ASP A 11 -8.43 26.95 -18.05
C ASP A 11 -9.25 26.61 -16.82
N LEU A 12 -9.91 25.44 -16.81
CA LEU A 12 -10.71 25.04 -15.66
C LEU A 12 -9.86 24.84 -14.42
N PHE A 13 -8.79 24.07 -14.53
CA PHE A 13 -8.10 23.56 -13.36
C PHE A 13 -6.85 24.33 -12.95
N ASN A 14 -6.22 25.06 -13.87
CA ASN A 14 -4.87 25.51 -13.60
C ASN A 14 -4.79 26.82 -12.81
N ARG A 15 -5.64 27.79 -13.12
CA ARG A 15 -5.56 29.05 -12.40
C ARG A 15 -6.75 29.28 -11.47
N SER A 16 -7.75 28.39 -11.49
CA SER A 16 -8.87 28.46 -10.55
C SER A 16 -8.70 27.41 -9.47
N PRO A 17 -8.63 27.80 -8.20
CA PRO A 17 -8.42 26.80 -7.13
C PRO A 17 -9.65 25.92 -6.96
N MET A 18 -9.45 24.75 -6.34
CA MET A 18 -10.45 23.71 -6.43
C MET A 18 -11.65 23.97 -5.50
N TYR A 19 -12.79 23.43 -5.92
CA TYR A 19 -14.03 23.55 -5.17
C TYR A 19 -13.83 23.07 -3.73
N PRO A 20 -14.20 23.87 -2.75
CA PRO A 20 -13.98 23.49 -1.36
C PRO A 20 -15.12 22.70 -0.77
N GLY A 21 -15.97 22.13 -1.63
CA GLY A 21 -17.14 21.40 -1.18
C GLY A 21 -18.35 22.28 -0.98
N PRO A 22 -19.51 21.67 -0.78
CA PRO A 22 -20.72 22.45 -0.57
C PRO A 22 -20.80 23.01 0.83
N THR A 23 -21.39 24.20 0.92
CA THR A 23 -21.88 24.80 2.15
C THR A 23 -23.41 24.87 2.10
N LYS A 24 -24.09 25.27 3.18
CA LYS A 24 -25.55 25.32 3.04
C LYS A 24 -26.01 26.60 2.35
N ASP A 25 -25.18 27.65 2.35
CA ASP A 25 -25.39 28.76 1.43
C ASP A 25 -25.55 28.24 0.00
N ASP A 26 -24.66 27.34 -0.40
CA ASP A 26 -24.59 26.84 -1.77
C ASP A 26 -24.54 25.32 -1.69
N PRO A 27 -25.67 24.68 -1.46
CA PRO A 27 -25.71 23.22 -1.33
C PRO A 27 -25.66 22.52 -2.69
N LEU A 28 -25.63 21.19 -2.63
CA LEU A 28 -25.31 20.34 -3.76
C LEU A 28 -26.25 19.14 -3.75
N THR A 29 -26.62 18.69 -4.94
CA THR A 29 -27.44 17.49 -5.04
C THR A 29 -26.63 16.43 -5.75
N VAL A 30 -26.59 15.24 -5.15
CA VAL A 30 -25.74 14.13 -5.54
C VAL A 30 -26.64 12.92 -5.71
N THR A 31 -26.68 12.36 -6.91
CA THR A 31 -27.57 11.24 -7.17
C THR A 31 -26.74 9.96 -7.17
N LEU A 32 -27.26 8.92 -6.55
CA LEU A 32 -26.60 7.63 -6.40
C LEU A 32 -27.32 6.56 -7.22
N GLY A 33 -26.64 5.44 -7.41
CA GLY A 33 -27.28 4.32 -8.07
C GLY A 33 -26.34 3.16 -8.22
N PHE A 34 -26.71 2.02 -7.68
CA PHE A 34 -25.85 0.86 -7.73
C PHE A 34 -26.18 -0.06 -8.91
N THR A 35 -25.15 -0.81 -9.32
CA THR A 35 -25.15 -1.72 -10.47
C THR A 35 -24.43 -2.97 -9.98
N LEU A 36 -25.18 -3.91 -9.42
CA LEU A 36 -24.54 -4.98 -8.66
C LEU A 36 -24.14 -6.12 -9.59
N GLN A 37 -22.87 -6.51 -9.53
CA GLN A 37 -22.31 -7.53 -10.41
C GLN A 37 -22.18 -8.90 -9.78
N ASP A 38 -21.95 -8.96 -8.46
CA ASP A 38 -21.72 -10.25 -7.83
C ASP A 38 -21.82 -10.12 -6.31
N ILE A 39 -22.30 -11.19 -5.68
CA ILE A 39 -22.09 -11.44 -4.25
C ILE A 39 -21.01 -12.51 -4.18
N VAL A 40 -19.78 -12.10 -3.87
CA VAL A 40 -18.61 -12.95 -4.12
C VAL A 40 -18.41 -13.98 -3.00
N LYS A 41 -18.78 -13.66 -1.77
CA LYS A 41 -18.43 -14.53 -0.67
C LYS A 41 -19.24 -14.13 0.56
N VAL A 42 -19.74 -15.13 1.29
CA VAL A 42 -20.27 -14.93 2.63
C VAL A 42 -19.33 -15.66 3.57
N ASP A 43 -19.22 -15.16 4.77
CA ASP A 43 -18.43 -15.82 5.80
C ASP A 43 -19.39 -16.08 6.94
N SER A 44 -19.93 -17.30 7.00
CA SER A 44 -20.81 -17.67 8.10
C SER A 44 -20.11 -17.63 9.44
N SER A 45 -18.77 -17.60 9.47
CA SER A 45 -18.02 -17.55 10.71
C SER A 45 -17.71 -16.15 11.22
N THR A 46 -17.73 -15.10 10.37
CA THR A 46 -17.52 -13.72 10.79
C THR A 46 -18.72 -12.80 10.57
N ASN A 47 -19.73 -13.24 9.80
CA ASN A 47 -20.89 -12.42 9.46
C ASN A 47 -20.48 -11.20 8.65
N GLU A 48 -19.78 -11.46 7.55
CA GLU A 48 -19.53 -10.48 6.51
C GLU A 48 -19.85 -11.11 5.17
N VAL A 49 -20.25 -10.27 4.22
CA VAL A 49 -20.44 -10.70 2.85
C VAL A 49 -19.79 -9.66 1.93
N ASP A 50 -19.36 -10.10 0.74
CA ASP A 50 -18.57 -9.27 -0.17
C ASP A 50 -19.32 -9.05 -1.47
N LEU A 51 -19.57 -7.78 -1.82
CA LEU A 51 -20.23 -7.41 -3.06
C LEU A 51 -19.25 -6.74 -4.01
N VAL A 52 -19.37 -7.04 -5.29
CA VAL A 52 -18.77 -6.24 -6.34
C VAL A 52 -19.88 -5.48 -7.05
N TYR A 53 -19.78 -4.16 -7.06
CA TYR A 53 -20.80 -3.33 -7.67
C TYR A 53 -20.15 -2.15 -8.38
N TYR A 54 -20.98 -1.34 -9.04
CA TYR A 54 -20.60 -0.06 -9.59
C TYR A 54 -21.40 1.03 -8.88
N GLU A 55 -20.73 2.08 -8.48
CA GLU A 55 -21.39 3.21 -7.83
C GLU A 55 -21.43 4.35 -8.84
N GLN A 56 -22.59 4.59 -9.43
CA GLN A 56 -22.70 5.76 -10.28
C GLN A 56 -23.00 6.98 -9.43
N GLN A 57 -22.32 8.09 -9.69
CA GLN A 57 -22.52 9.30 -8.90
C GLN A 57 -22.57 10.54 -9.80
N ARG A 58 -23.56 11.40 -9.57
CA ARG A 58 -23.75 12.60 -10.39
C ARG A 58 -23.88 13.82 -9.49
N TRP A 59 -23.34 14.94 -9.97
CA TRP A 59 -23.53 16.23 -9.33
C TRP A 59 -23.20 17.30 -10.35
N LYS A 60 -23.23 18.57 -9.93
CA LYS A 60 -23.15 19.69 -10.87
C LYS A 60 -22.60 20.91 -10.17
N LEU A 61 -21.52 21.47 -10.70
CA LEU A 61 -20.87 22.65 -10.15
C LEU A 61 -20.82 23.77 -11.18
N ASN A 62 -21.21 24.97 -10.77
CA ASN A 62 -21.11 26.12 -11.67
C ASN A 62 -19.66 26.44 -12.03
N SER A 63 -18.69 25.77 -11.43
CA SER A 63 -17.29 26.07 -11.69
C SER A 63 -16.72 25.20 -12.80
N LEU A 64 -17.27 24.01 -12.99
CA LEU A 64 -16.87 23.13 -14.07
C LEU A 64 -17.57 23.42 -15.38
N MET A 65 -18.27 24.54 -15.52
CA MET A 65 -18.93 24.79 -16.78
C MET A 65 -18.14 25.78 -17.64
N TRP A 66 -18.54 25.83 -18.91
CA TRP A 66 -17.85 26.58 -19.95
C TRP A 66 -18.80 26.66 -21.13
N ASP A 67 -18.44 27.53 -22.08
CA ASP A 67 -19.23 27.75 -23.28
C ASP A 67 -18.57 26.99 -24.42
N PRO A 68 -19.19 25.94 -24.96
CA PRO A 68 -18.50 25.10 -25.97
C PRO A 68 -18.02 25.88 -27.18
N ASN A 69 -18.75 26.90 -27.61
CA ASN A 69 -18.33 27.63 -28.80
C ASN A 69 -17.06 28.42 -28.60
N GLU A 70 -16.44 28.36 -27.43
CA GLU A 70 -15.16 29.00 -27.17
C GLU A 70 -14.03 27.97 -27.04
N TYR A 71 -14.37 26.69 -27.09
CA TYR A 71 -13.41 25.59 -26.96
C TYR A 71 -13.67 24.53 -28.03
N GLY A 72 -13.79 24.97 -29.29
CA GLY A 72 -13.88 24.03 -30.39
C GLY A 72 -15.06 23.08 -30.34
N ASN A 73 -16.26 23.59 -30.03
CA ASN A 73 -17.49 22.79 -30.06
C ASN A 73 -17.40 21.56 -29.15
N ILE A 74 -16.71 21.65 -28.01
CA ILE A 74 -16.54 20.51 -27.11
C ILE A 74 -17.74 20.40 -26.19
N THR A 75 -18.47 19.29 -26.29
CA THR A 75 -19.61 19.05 -25.42
C THR A 75 -19.17 18.68 -24.01
N ASP A 76 -18.04 18.00 -23.87
CA ASP A 76 -17.70 17.33 -22.63
C ASP A 76 -16.31 16.76 -22.76
N PHE A 77 -15.79 16.22 -21.66
CA PHE A 77 -14.48 15.59 -21.70
C PHE A 77 -14.36 14.59 -20.55
N ARG A 78 -13.24 13.89 -20.53
CA ARG A 78 -12.97 12.88 -19.54
C ARG A 78 -11.69 13.23 -18.81
N THR A 79 -11.69 13.03 -17.50
CA THR A 79 -10.56 13.44 -16.71
C THR A 79 -10.46 12.54 -15.49
N SER A 80 -9.23 12.45 -14.99
CA SER A 80 -8.97 11.71 -13.77
C SER A 80 -9.83 12.27 -12.63
N ALA A 81 -10.40 11.37 -11.82
CA ALA A 81 -11.21 11.81 -10.70
C ALA A 81 -10.40 12.62 -9.70
N ALA A 82 -9.09 12.44 -9.66
CA ALA A 82 -8.25 13.22 -8.77
C ALA A 82 -8.20 14.71 -9.12
N ASP A 83 -8.60 15.09 -10.33
CA ASP A 83 -8.53 16.48 -10.80
C ASP A 83 -9.70 17.33 -10.35
N ILE A 84 -10.70 16.74 -9.69
CA ILE A 84 -11.92 17.45 -9.34
C ILE A 84 -12.33 17.06 -7.94
N TRP A 85 -13.20 17.89 -7.36
CA TRP A 85 -13.81 17.53 -6.10
C TRP A 85 -14.73 16.35 -6.35
N THR A 86 -14.69 15.37 -5.46
CA THR A 86 -15.61 14.26 -5.52
C THR A 86 -16.26 14.11 -4.16
N PRO A 87 -17.53 13.73 -4.11
CA PRO A 87 -18.22 13.65 -2.82
C PRO A 87 -17.75 12.44 -2.00
N ASP A 88 -18.03 12.55 -0.71
CA ASP A 88 -17.58 11.62 0.32
C ASP A 88 -18.62 10.58 0.67
N ILE A 89 -19.29 9.99 -0.32
CA ILE A 89 -20.30 9.01 -0.01
C ILE A 89 -19.63 7.74 0.49
N THR A 90 -20.21 7.12 1.51
CA THR A 90 -19.50 6.06 2.23
C THR A 90 -20.49 5.04 2.74
N ALA A 91 -20.10 3.78 2.70
CA ALA A 91 -20.87 2.71 3.32
C ALA A 91 -20.66 2.78 4.83
N TYR A 92 -21.76 2.87 5.59
CA TYR A 92 -21.66 3.07 7.04
C TYR A 92 -21.39 1.79 7.79
N SER A 93 -21.50 0.63 7.16
CA SER A 93 -21.31 -0.66 7.83
C SER A 93 -20.26 -1.51 7.09
N SER A 94 -19.31 -0.85 6.45
CA SER A 94 -18.19 -1.57 5.87
C SER A 94 -17.37 -2.23 6.97
N THR A 95 -16.64 -3.25 6.59
CA THR A 95 -15.82 -3.99 7.54
C THR A 95 -14.34 -4.02 7.20
N ARG A 96 -14.00 -4.08 5.93
CA ARG A 96 -12.66 -3.92 5.44
C ARG A 96 -12.67 -2.77 4.43
N PRO A 97 -11.54 -2.06 4.26
CA PRO A 97 -11.56 -0.86 3.43
C PRO A 97 -11.96 -1.23 2.02
N VAL A 98 -12.64 -0.32 1.35
CA VAL A 98 -13.19 -0.69 0.06
C VAL A 98 -12.06 -0.78 -0.95
N GLN A 99 -12.10 -1.82 -1.80
CA GLN A 99 -11.13 -2.04 -2.86
C GLN A 99 -11.70 -1.54 -4.18
N VAL A 100 -10.95 -0.67 -4.87
CA VAL A 100 -11.33 -0.17 -6.20
C VAL A 100 -10.92 -1.17 -7.26
N LEU A 101 -11.82 -1.46 -8.20
CA LEU A 101 -11.54 -2.42 -9.25
C LEU A 101 -11.52 -1.81 -10.64
N SER A 102 -11.62 -0.50 -10.75
CA SER A 102 -11.66 0.12 -12.05
C SER A 102 -10.82 1.39 -12.02
N PRO A 103 -10.57 2.01 -13.15
CA PRO A 103 -10.04 3.37 -13.13
C PRO A 103 -11.05 4.31 -12.52
N GLN A 104 -10.56 5.40 -11.97
CA GLN A 104 -11.43 6.43 -11.43
C GLN A 104 -11.34 7.64 -12.37
N ILE A 105 -12.20 7.64 -13.38
CA ILE A 105 -12.28 8.68 -14.38
C ILE A 105 -13.70 9.19 -14.43
N ALA A 106 -13.86 10.51 -14.50
CA ALA A 106 -15.18 11.13 -14.54
C ALA A 106 -15.41 11.79 -15.89
N VAL A 107 -16.68 11.99 -16.23
CA VAL A 107 -17.05 12.78 -17.40
C VAL A 107 -17.66 14.10 -16.93
N VAL A 108 -17.05 15.20 -17.35
CA VAL A 108 -17.54 16.54 -17.08
C VAL A 108 -18.17 17.07 -18.37
N THR A 109 -19.47 17.35 -18.31
CA THR A 109 -20.13 17.96 -19.46
C THR A 109 -20.29 19.47 -19.22
N HIS A 110 -20.50 20.20 -20.30
CA HIS A 110 -20.18 21.63 -20.30
C HIS A 110 -21.11 22.46 -19.42
N ASP A 111 -22.23 21.90 -18.96
CA ASP A 111 -23.08 22.60 -18.00
C ASP A 111 -22.63 22.39 -16.56
N GLY A 112 -21.39 21.94 -16.34
CA GLY A 112 -20.89 21.69 -15.00
C GLY A 112 -21.34 20.39 -14.37
N SER A 113 -22.02 19.51 -15.10
CA SER A 113 -22.40 18.26 -14.45
C SER A 113 -21.32 17.20 -14.61
N VAL A 114 -21.36 16.22 -13.73
CA VAL A 114 -20.30 15.23 -13.61
C VAL A 114 -20.92 13.85 -13.39
N MET A 115 -20.39 12.84 -14.09
CA MET A 115 -20.70 11.47 -13.75
C MET A 115 -19.43 10.65 -13.63
N PHE A 116 -19.54 9.55 -12.90
CA PHE A 116 -18.36 8.87 -12.37
C PHE A 116 -18.79 7.54 -11.76
N ILE A 117 -18.34 6.43 -12.34
CA ILE A 117 -18.77 5.10 -11.92
C ILE A 117 -17.61 4.15 -11.67
N PRO A 118 -16.94 4.23 -10.52
CA PRO A 118 -15.90 3.23 -10.21
C PRO A 118 -16.52 1.88 -9.94
N ALA A 119 -15.74 0.83 -10.20
CA ALA A 119 -16.06 -0.51 -9.71
C ALA A 119 -15.44 -0.74 -8.32
N GLN A 120 -16.17 -1.43 -7.45
CA GLN A 120 -15.76 -1.57 -6.07
C GLN A 120 -16.04 -2.99 -5.60
N ARG A 121 -15.30 -3.41 -4.57
CA ARG A 121 -15.59 -4.60 -3.81
C ARG A 121 -15.70 -4.19 -2.35
N LEU A 122 -16.79 -4.58 -1.70
CA LEU A 122 -17.15 -4.07 -0.38
C LEU A 122 -17.40 -5.24 0.55
N SER A 123 -16.86 -5.16 1.76
CA SER A 123 -17.12 -6.14 2.80
C SER A 123 -17.94 -5.44 3.86
N PHE A 124 -19.12 -5.96 4.15
CA PHE A 124 -19.94 -5.32 5.17
C PHE A 124 -20.59 -6.36 6.06
N MET A 125 -21.17 -5.85 7.15
CA MET A 125 -21.76 -6.68 8.19
C MET A 125 -23.12 -7.21 7.73
N CYS A 126 -23.27 -8.53 7.78
CA CYS A 126 -24.50 -9.18 7.33
C CYS A 126 -24.52 -10.59 7.88
N ASP A 127 -25.63 -10.98 8.52
CA ASP A 127 -25.86 -12.36 8.95
C ASP A 127 -26.27 -13.24 7.77
N PRO A 128 -25.41 -14.16 7.33
CA PRO A 128 -25.81 -15.08 6.27
C PRO A 128 -26.52 -16.33 6.78
N THR A 129 -26.59 -16.53 8.10
CA THR A 129 -27.27 -17.69 8.66
C THR A 129 -28.69 -17.73 8.10
N GLY A 130 -29.05 -18.88 7.54
CA GLY A 130 -30.15 -18.94 6.61
C GLY A 130 -29.81 -18.70 5.16
N VAL A 131 -28.58 -18.97 4.72
CA VAL A 131 -28.31 -19.03 3.29
C VAL A 131 -27.97 -20.50 2.98
N ASP A 132 -28.81 -21.40 3.53
CA ASP A 132 -28.78 -22.83 3.24
C ASP A 132 -30.18 -23.39 3.00
N SER A 133 -30.99 -22.70 2.20
CA SER A 133 -32.41 -22.92 2.00
C SER A 133 -32.99 -22.32 0.70
N GLU A 134 -34.13 -21.63 0.83
CA GLU A 134 -34.77 -21.00 -0.34
C GLU A 134 -35.36 -19.62 -0.08
N GLU A 135 -36.16 -19.43 0.96
CA GLU A 135 -36.73 -18.10 1.16
C GLU A 135 -35.63 -17.04 1.21
N GLY A 136 -34.48 -17.43 1.77
CA GLY A 136 -33.23 -16.71 1.69
C GLY A 136 -33.06 -15.67 2.79
N VAL A 137 -31.84 -15.08 2.84
CA VAL A 137 -31.60 -13.96 3.75
C VAL A 137 -31.74 -12.67 2.97
N THR A 138 -31.97 -11.60 3.70
CA THR A 138 -31.76 -10.26 3.20
C THR A 138 -30.81 -9.58 4.17
N CYS A 139 -29.95 -8.70 3.65
CA CYS A 139 -29.24 -7.74 4.50
C CYS A 139 -28.95 -6.48 3.68
N ALA A 140 -28.39 -5.48 4.35
CA ALA A 140 -28.49 -4.11 3.88
C ALA A 140 -27.21 -3.34 4.23
N VAL A 141 -26.98 -2.25 3.48
CA VAL A 141 -25.91 -1.28 3.72
C VAL A 141 -26.46 0.10 3.44
N LYS A 142 -26.25 1.05 4.36
CA LYS A 142 -26.60 2.45 4.11
C LYS A 142 -25.38 3.21 3.58
N PHE A 143 -25.55 3.85 2.43
CA PHE A 143 -24.54 4.77 1.91
C PHE A 143 -24.99 6.19 2.20
N GLY A 144 -24.02 7.05 2.54
CA GLY A 144 -24.34 8.44 2.75
C GLY A 144 -23.07 9.23 2.97
N SER A 145 -23.24 10.54 3.05
CA SER A 145 -22.11 11.43 3.26
C SER A 145 -21.53 11.22 4.65
N TRP A 146 -20.22 11.49 4.78
CA TRP A 146 -19.53 11.29 6.04
C TRP A 146 -19.42 12.57 6.89
N VAL A 147 -19.51 13.76 6.28
CA VAL A 147 -19.38 14.99 7.05
C VAL A 147 -20.42 16.00 6.63
N TYR A 148 -21.28 15.62 5.70
CA TYR A 148 -22.26 16.56 5.14
C TYR A 148 -23.68 16.08 5.46
N SER A 149 -24.52 17.02 5.93
CA SER A 149 -25.91 16.73 6.23
C SER A 149 -26.77 17.07 5.03
N GLY A 150 -28.08 16.84 5.15
CA GLY A 150 -28.99 17.15 4.06
C GLY A 150 -29.04 18.63 3.70
N PHE A 151 -28.54 19.50 4.56
CA PHE A 151 -28.48 20.90 4.18
C PHE A 151 -27.29 21.21 3.28
N GLU A 152 -26.34 20.27 3.17
CA GLU A 152 -25.13 20.44 2.39
C GLU A 152 -25.18 19.60 1.12
N ILE A 153 -25.32 18.29 1.29
CA ILE A 153 -25.38 17.34 0.20
C ILE A 153 -26.76 16.70 0.28
N ASP A 154 -27.56 16.96 -0.73
CA ASP A 154 -28.85 16.33 -0.92
C ASP A 154 -28.64 15.05 -1.73
N LEU A 155 -28.68 13.90 -1.06
CA LEU A 155 -28.62 12.62 -1.76
C LEU A 155 -29.93 12.37 -2.50
N LYS A 156 -29.92 11.39 -3.42
CA LYS A 156 -31.05 11.17 -4.32
C LYS A 156 -30.79 9.95 -5.18
N THR A 157 -31.84 9.28 -5.65
CA THR A 157 -31.72 8.23 -6.66
C THR A 157 -32.72 8.48 -7.78
N ASP A 158 -32.36 8.06 -8.98
CA ASP A 158 -33.29 8.13 -10.10
C ASP A 158 -34.28 6.96 -9.99
N THR A 159 -33.85 5.76 -10.35
CA THR A 159 -34.59 4.53 -10.09
C THR A 159 -34.37 4.10 -8.64
N ASP A 160 -35.17 3.16 -8.16
CA ASP A 160 -34.91 2.55 -6.85
C ASP A 160 -34.71 1.05 -6.95
N GLN A 161 -34.64 0.52 -8.16
CA GLN A 161 -34.25 -0.85 -8.40
C GLN A 161 -32.77 -0.86 -8.79
N VAL A 162 -31.98 -1.61 -8.02
CA VAL A 162 -30.59 -1.83 -8.43
C VAL A 162 -30.57 -2.39 -9.85
N ASP A 163 -29.68 -1.88 -10.69
CA ASP A 163 -29.50 -2.44 -12.02
C ASP A 163 -28.90 -3.84 -11.87
N LEU A 164 -29.62 -4.86 -12.36
CA LEU A 164 -29.14 -6.22 -12.30
C LEU A 164 -28.88 -6.84 -13.67
N SER A 165 -28.99 -6.05 -14.75
CA SER A 165 -28.86 -6.51 -16.12
C SER A 165 -27.46 -6.99 -16.46
N SER A 166 -26.55 -6.95 -15.49
CA SER A 166 -25.20 -7.44 -15.73
C SER A 166 -24.69 -8.24 -14.56
N TYR A 167 -25.55 -8.61 -13.60
CA TYR A 167 -25.16 -9.54 -12.55
C TYR A 167 -24.57 -10.81 -13.16
N TYR A 168 -23.70 -11.47 -12.40
CA TYR A 168 -23.01 -12.66 -12.91
C TYR A 168 -23.96 -13.85 -12.92
N ALA A 169 -24.18 -14.43 -14.11
CA ALA A 169 -25.09 -15.56 -14.26
C ALA A 169 -24.71 -16.73 -13.36
N SER A 170 -23.45 -17.16 -13.41
CA SER A 170 -23.00 -18.35 -12.69
C SER A 170 -22.54 -18.05 -11.27
N SER A 171 -23.04 -16.97 -10.67
CA SER A 171 -22.57 -16.62 -9.33
C SER A 171 -23.09 -17.63 -8.32
N LYS A 172 -22.31 -17.84 -7.26
CA LYS A 172 -22.69 -18.87 -6.30
C LYS A 172 -23.90 -18.47 -5.49
N TYR A 173 -24.26 -17.19 -5.47
CA TYR A 173 -25.58 -16.79 -5.01
C TYR A 173 -26.36 -16.27 -6.18
N GLU A 174 -27.65 -16.09 -5.97
CA GLU A 174 -28.43 -15.32 -6.92
C GLU A 174 -29.45 -14.49 -6.16
N ILE A 175 -29.83 -13.39 -6.76
CA ILE A 175 -30.59 -12.35 -6.08
C ILE A 175 -32.05 -12.61 -6.32
N LEU A 176 -32.85 -12.34 -5.30
CA LEU A 176 -34.28 -12.26 -5.45
C LEU A 176 -34.76 -10.81 -5.49
N SER A 177 -34.34 -9.99 -4.54
CA SER A 177 -34.65 -8.57 -4.59
C SER A 177 -33.39 -7.75 -4.32
N ALA A 178 -33.47 -6.45 -4.67
CA ALA A 178 -32.32 -5.55 -4.68
C ALA A 178 -32.79 -4.12 -4.87
N THR A 179 -32.90 -3.35 -3.79
CA THR A 179 -33.46 -2.01 -3.86
C THR A 179 -32.49 -0.97 -3.30
N GLN A 180 -32.56 0.24 -3.84
CA GLN A 180 -31.76 1.38 -3.41
C GLN A 180 -32.72 2.52 -3.10
N THR A 181 -33.11 2.64 -1.85
CA THR A 181 -34.16 3.57 -1.47
C THR A 181 -33.59 4.66 -0.57
N ARG A 182 -33.82 5.91 -0.95
CA ARG A 182 -33.40 7.05 -0.15
C ARG A 182 -34.14 7.09 1.19
N GLN A 183 -33.43 7.48 2.26
CA GLN A 183 -34.04 7.61 3.59
C GLN A 183 -33.61 8.91 4.25
N VAL A 184 -34.58 9.72 4.66
CA VAL A 184 -34.30 10.93 5.43
C VAL A 184 -34.54 10.60 6.89
N GLN A 185 -34.03 11.47 7.76
CA GLN A 185 -33.93 11.13 9.18
C GLN A 185 -33.55 12.39 9.93
N HIS A 186 -34.15 12.61 11.10
CA HIS A 186 -33.74 13.70 11.97
C HIS A 186 -33.39 13.16 13.34
N TYR A 187 -32.76 14.00 14.14
CA TYR A 187 -32.41 13.62 15.50
C TYR A 187 -33.04 14.59 16.49
N SER A 188 -33.51 14.02 17.62
CA SER A 188 -34.25 14.72 18.66
C SER A 188 -33.69 16.11 18.90
N CYS A 189 -32.38 16.24 18.74
CA CYS A 189 -31.65 17.45 19.07
C CYS A 189 -31.68 18.49 17.96
N CYS A 190 -31.73 18.07 16.70
CA CYS A 190 -31.00 18.78 15.65
C CYS A 190 -31.85 18.99 14.40
N PRO A 191 -31.95 20.24 13.93
CA PRO A 191 -32.94 20.56 12.88
C PRO A 191 -32.65 19.93 11.54
N GLU A 192 -31.35 19.81 11.13
CA GLU A 192 -30.93 19.43 9.79
C GLU A 192 -31.21 17.94 9.54
N PRO A 193 -31.62 17.58 8.33
CA PRO A 193 -31.88 16.17 8.03
C PRO A 193 -30.56 15.42 7.85
N TYR A 194 -30.68 14.09 7.68
CA TYR A 194 -29.52 13.22 7.54
C TYR A 194 -29.94 12.07 6.62
N ILE A 195 -29.42 12.12 5.39
CA ILE A 195 -29.91 11.31 4.31
C ILE A 195 -28.99 10.11 4.14
N ASP A 196 -29.53 9.04 3.54
CA ASP A 196 -28.75 7.87 3.18
C ASP A 196 -29.55 7.02 2.20
N VAL A 197 -28.86 6.51 1.19
CA VAL A 197 -29.46 5.53 0.30
C VAL A 197 -29.28 4.16 0.95
N ASN A 198 -30.36 3.42 1.08
CA ASN A 198 -30.33 2.11 1.72
C ASN A 198 -30.36 1.07 0.60
N LEU A 199 -29.34 0.23 0.57
CA LEU A 199 -29.18 -0.81 -0.43
C LEU A 199 -29.45 -2.12 0.27
N VAL A 200 -30.43 -2.87 -0.22
CA VAL A 200 -30.88 -4.07 0.48
C VAL A 200 -31.07 -5.17 -0.53
N VAL A 201 -30.57 -6.36 -0.21
CA VAL A 201 -30.49 -7.46 -1.16
C VAL A 201 -30.98 -8.73 -0.50
N LYS A 202 -31.96 -9.38 -1.14
CA LYS A 202 -32.44 -10.71 -0.78
C LYS A 202 -31.79 -11.69 -1.73
N PHE A 203 -31.04 -12.65 -1.19
CA PHE A 203 -30.26 -13.51 -2.07
C PHE A 203 -30.16 -14.91 -1.51
N ARG A 204 -29.74 -15.81 -2.40
CA ARG A 204 -29.58 -17.21 -2.05
C ARG A 204 -28.80 -17.98 -3.12
N GLU A 205 -27.93 -18.89 -2.65
CA GLU A 205 -27.33 -20.00 -3.39
C GLU A 205 -28.14 -20.51 -4.58
N ARG A 206 -27.43 -20.97 -5.61
CA ARG A 206 -28.04 -21.44 -6.85
C ARG A 206 -28.55 -22.88 -6.71
N ARG A 207 -29.46 -23.23 -7.62
CA ARG A 207 -30.22 -24.48 -7.52
C ARG A 207 -30.26 -25.19 -8.87
N GLY B 1 -28.79 10.65 20.93
CA GLY B 1 -28.53 9.58 19.98
C GLY B 1 -27.85 9.93 18.63
N CYS B 2 -27.29 11.14 18.57
CA CYS B 2 -26.66 11.59 17.34
C CYS B 2 -25.30 10.98 17.17
N CYS B 3 -24.48 11.09 18.22
CA CYS B 3 -23.07 10.73 18.16
C CYS B 3 -22.82 9.40 17.50
N SER B 4 -23.83 8.57 17.34
CA SER B 4 -23.68 7.33 16.61
C SER B 4 -23.44 7.55 15.11
N HIS B 5 -23.62 8.78 14.62
CA HIS B 5 -23.63 9.09 13.19
C HIS B 5 -22.64 10.20 12.89
N PRO B 6 -21.68 9.95 11.99
CA PRO B 6 -20.47 10.79 11.93
C PRO B 6 -20.70 12.23 11.51
N ALA B 7 -21.61 12.46 10.57
CA ALA B 7 -21.79 13.82 10.06
C ALA B 7 -22.34 14.75 11.12
N CYS B 8 -23.23 14.24 11.99
CA CYS B 8 -23.77 15.04 13.08
C CYS B 8 -22.83 15.04 14.27
N ASN B 9 -22.19 13.90 14.58
CA ASN B 9 -21.18 13.90 15.61
C ASN B 9 -20.18 15.05 15.42
N VAL B 10 -19.76 15.31 14.18
CA VAL B 10 -18.85 16.44 13.99
C VAL B 10 -19.58 17.76 13.97
N ALA B 11 -20.87 17.76 13.63
CA ALA B 11 -21.63 19.00 13.60
C ALA B 11 -21.98 19.51 14.99
N HIS B 12 -22.01 18.63 15.99
CA HIS B 12 -22.59 18.94 17.30
C HIS B 12 -21.66 18.46 18.41
N PRO B 13 -20.52 19.12 18.57
CA PRO B 13 -19.64 18.82 19.72
C PRO B 13 -20.34 18.93 21.06
N GLU B 14 -21.21 19.94 21.21
CA GLU B 14 -21.91 20.18 22.48
C GLU B 14 -22.67 18.95 22.97
N ILE B 15 -23.15 18.12 22.04
CA ILE B 15 -23.94 16.94 22.38
C ILE B 15 -23.08 15.68 22.50
N CYS B 16 -21.94 15.64 21.82
CA CYS B 16 -21.33 14.33 21.59
C CYS B 16 -20.06 14.04 22.38
N NH2 B 17 -19.65 12.77 22.32
N SER C 1 26.49 12.56 -27.45
CA SER C 1 25.50 11.56 -27.89
C SER C 1 24.51 11.21 -26.76
N GLN C 2 25.05 10.82 -25.60
CA GLN C 2 24.26 10.36 -24.45
C GLN C 2 23.44 11.50 -23.81
N ALA C 3 23.82 12.75 -24.03
CA ALA C 3 23.04 13.86 -23.55
C ALA C 3 21.80 14.10 -24.39
N ASN C 4 21.80 13.68 -25.66
CA ASN C 4 20.65 13.90 -26.53
C ASN C 4 19.42 13.19 -26.00
N LEU C 5 19.58 11.95 -25.51
CA LEU C 5 18.48 11.25 -24.87
C LEU C 5 17.99 12.02 -23.66
N MET C 6 18.91 12.47 -22.81
CA MET C 6 18.53 13.22 -21.62
C MET C 6 17.78 14.50 -22.02
N ARG C 7 18.17 15.13 -23.13
CA ARG C 7 17.45 16.31 -23.60
C ARG C 7 16.10 15.94 -24.22
N LEU C 8 16.07 14.85 -25.00
CA LEU C 8 14.83 14.44 -25.66
C LEU C 8 13.75 14.16 -24.63
N LYS C 9 14.08 13.40 -23.59
CA LYS C 9 13.08 13.11 -22.56
C LYS C 9 12.56 14.39 -21.94
N SER C 10 13.43 15.39 -21.78
CA SER C 10 13.00 16.66 -21.21
C SER C 10 12.10 17.43 -22.17
N ASP C 11 12.38 17.34 -23.46
CA ASP C 11 11.55 18.03 -24.45
C ASP C 11 10.14 17.46 -24.50
N LEU C 12 9.99 16.13 -24.36
CA LEU C 12 8.65 15.55 -24.49
C LEU C 12 7.86 15.50 -23.19
N PHE C 13 8.50 15.47 -22.02
CA PHE C 13 7.75 15.30 -20.79
C PHE C 13 7.66 16.53 -19.90
N ASN C 14 8.55 17.53 -20.06
CA ASN C 14 8.44 18.77 -19.30
C ASN C 14 7.92 19.92 -20.13
N ARG C 15 8.48 20.14 -21.31
CA ARG C 15 8.07 21.23 -22.19
C ARG C 15 6.84 20.91 -23.04
N SER C 16 6.10 19.85 -22.73
CA SER C 16 4.91 19.54 -23.51
C SER C 16 3.84 19.04 -22.56
N PRO C 17 2.57 19.34 -22.83
CA PRO C 17 1.50 18.82 -21.99
C PRO C 17 1.46 17.30 -22.09
N MET C 18 0.83 16.69 -21.10
CA MET C 18 0.51 15.29 -21.26
C MET C 18 -0.79 15.18 -22.04
N TYR C 19 -0.84 14.16 -22.86
CA TYR C 19 -1.99 13.86 -23.68
C TYR C 19 -3.25 13.75 -22.82
N PRO C 20 -4.36 14.38 -23.22
CA PRO C 20 -5.60 14.35 -22.43
C PRO C 20 -6.57 13.21 -22.77
N GLY C 21 -6.14 12.20 -23.50
CA GLY C 21 -7.06 11.20 -23.98
C GLY C 21 -7.62 11.51 -25.36
N PRO C 22 -8.23 10.51 -25.97
CA PRO C 22 -8.85 10.71 -27.28
C PRO C 22 -10.18 11.42 -27.17
N THR C 23 -10.53 12.11 -28.23
CA THR C 23 -11.83 12.72 -28.40
C THR C 23 -12.52 12.04 -29.58
N LYS C 24 -13.79 12.37 -29.81
CA LYS C 24 -14.45 11.84 -31.00
C LYS C 24 -13.77 12.35 -32.26
N ASP C 25 -13.31 13.60 -32.24
CA ASP C 25 -12.71 14.20 -33.44
C ASP C 25 -11.32 13.64 -33.70
N ASP C 26 -10.57 13.34 -32.64
CA ASP C 26 -9.22 12.78 -32.72
C ASP C 26 -9.17 11.48 -31.93
N PRO C 27 -9.85 10.42 -32.42
CA PRO C 27 -9.85 9.14 -31.71
C PRO C 27 -8.54 8.40 -31.86
N LEU C 28 -8.44 7.26 -31.18
CA LEU C 28 -7.16 6.62 -30.96
C LEU C 28 -7.32 5.11 -31.03
N THR C 29 -6.44 4.44 -31.75
CA THR C 29 -6.50 2.99 -31.85
C THR C 29 -5.58 2.39 -30.80
N VAL C 30 -6.14 1.52 -29.96
CA VAL C 30 -5.41 0.84 -28.90
C VAL C 30 -5.40 -0.64 -29.24
N THR C 31 -4.23 -1.27 -29.14
CA THR C 31 -4.08 -2.69 -29.48
C THR C 31 -3.79 -3.50 -28.22
N LEU C 32 -4.60 -4.52 -27.99
CA LEU C 32 -4.53 -5.38 -26.82
C LEU C 32 -4.01 -6.77 -27.22
N GLY C 33 -3.36 -7.45 -26.28
CA GLY C 33 -2.88 -8.80 -26.52
C GLY C 33 -2.49 -9.47 -25.23
N PHE C 34 -2.65 -10.78 -25.19
CA PHE C 34 -2.45 -11.54 -23.98
C PHE C 34 -1.45 -12.68 -24.18
N THR C 35 -0.72 -12.97 -23.12
CA THR C 35 0.28 -14.03 -23.06
C THR C 35 0.04 -14.71 -21.73
N LEU C 36 -0.47 -15.92 -21.73
CA LEU C 36 -0.85 -16.55 -20.47
C LEU C 36 0.26 -17.45 -19.96
N GLN C 37 0.52 -17.34 -18.66
CA GLN C 37 1.62 -18.01 -17.99
C GLN C 37 1.17 -19.06 -17.00
N ASP C 38 0.17 -18.77 -16.17
CA ASP C 38 -0.39 -19.83 -15.34
C ASP C 38 -1.83 -19.52 -14.98
N ILE C 39 -2.63 -20.57 -14.88
CA ILE C 39 -3.88 -20.53 -14.15
C ILE C 39 -3.50 -20.90 -12.72
N VAL C 40 -3.50 -19.93 -11.84
CA VAL C 40 -2.83 -20.14 -10.56
C VAL C 40 -3.77 -20.73 -9.54
N LYS C 41 -5.01 -20.27 -9.49
CA LYS C 41 -5.90 -20.70 -8.42
C LYS C 41 -7.34 -20.60 -8.92
N VAL C 42 -8.18 -21.45 -8.33
CA VAL C 42 -9.56 -21.71 -8.76
C VAL C 42 -10.34 -22.00 -7.48
N ASP C 43 -11.18 -21.06 -7.05
CA ASP C 43 -11.87 -21.20 -5.78
C ASP C 43 -13.27 -21.74 -6.05
N SER C 44 -13.47 -23.03 -5.77
CA SER C 44 -14.76 -23.68 -5.98
C SER C 44 -15.87 -22.97 -5.23
N SER C 45 -15.54 -22.33 -4.10
CA SER C 45 -16.55 -21.84 -3.16
C SER C 45 -16.92 -20.38 -3.34
N THR C 46 -16.17 -19.61 -4.13
CA THR C 46 -16.56 -18.23 -4.44
C THR C 46 -16.65 -17.94 -5.93
N ASN C 47 -16.24 -18.87 -6.78
CA ASN C 47 -16.26 -18.69 -8.22
C ASN C 47 -15.32 -17.55 -8.63
N GLU C 48 -14.10 -17.63 -8.14
CA GLU C 48 -13.01 -16.77 -8.58
C GLU C 48 -11.92 -17.65 -9.18
N VAL C 49 -11.37 -17.24 -10.31
CA VAL C 49 -10.20 -17.87 -10.92
C VAL C 49 -9.08 -16.83 -11.00
N ASP C 50 -7.84 -17.26 -10.71
CA ASP C 50 -6.68 -16.37 -10.72
C ASP C 50 -5.75 -16.71 -11.88
N LEU C 51 -5.52 -15.74 -12.77
CA LEU C 51 -4.58 -15.90 -13.89
C LEU C 51 -3.36 -15.02 -13.71
N VAL C 52 -2.24 -15.48 -14.24
CA VAL C 52 -1.02 -14.70 -14.31
C VAL C 52 -0.61 -14.59 -15.77
N TYR C 53 -0.55 -13.37 -16.29
CA TYR C 53 -0.35 -13.17 -17.72
C TYR C 53 0.46 -11.91 -17.96
N TYR C 54 0.98 -11.78 -19.18
CA TYR C 54 1.45 -10.50 -19.69
C TYR C 54 0.30 -9.84 -20.44
N GLU C 55 0.23 -8.52 -20.40
CA GLU C 55 -0.83 -7.78 -21.07
C GLU C 55 -0.15 -6.74 -21.93
N GLN C 56 -0.13 -6.98 -23.23
CA GLN C 56 0.48 -6.05 -24.17
C GLN C 56 -0.53 -4.98 -24.54
N GLN C 57 -0.08 -3.74 -24.62
CA GLN C 57 -0.90 -2.61 -25.07
C GLN C 57 -0.06 -1.76 -25.98
N ARG C 58 -0.69 -1.24 -27.04
CA ARG C 58 0.04 -0.37 -27.95
C ARG C 58 -0.91 0.63 -28.57
N TRP C 59 -0.45 1.87 -28.65
CA TRP C 59 -1.18 2.98 -29.19
C TRP C 59 -0.13 3.91 -29.77
N LYS C 60 -0.56 4.94 -30.50
CA LYS C 60 0.37 5.82 -31.19
C LYS C 60 -0.17 7.25 -31.23
N LEU C 61 0.67 8.23 -30.82
CA LEU C 61 0.29 9.63 -30.63
C LEU C 61 1.24 10.57 -31.35
N ASN C 62 0.66 11.56 -32.04
CA ASN C 62 1.49 12.54 -32.76
C ASN C 62 2.29 13.43 -31.83
N SER C 63 1.78 13.72 -30.63
CA SER C 63 2.53 14.51 -29.67
C SER C 63 3.82 13.82 -29.23
N LEU C 64 3.93 12.52 -29.41
CA LEU C 64 5.11 11.78 -28.99
C LEU C 64 6.14 11.62 -30.11
N MET C 65 5.97 12.32 -31.22
CA MET C 65 6.85 12.17 -32.37
C MET C 65 8.09 13.04 -32.20
N TRP C 66 9.15 12.65 -32.91
CA TRP C 66 10.35 13.46 -33.00
C TRP C 66 11.16 12.98 -34.20
N ASP C 67 12.10 13.84 -34.61
CA ASP C 67 12.92 13.61 -35.79
C ASP C 67 14.29 13.14 -35.32
N PRO C 68 14.67 11.89 -35.60
CA PRO C 68 15.85 11.31 -34.92
C PRO C 68 17.17 12.04 -35.15
N ASN C 69 17.37 12.77 -36.25
CA ASN C 69 18.70 13.39 -36.36
C ASN C 69 18.77 14.75 -35.66
N GLU C 70 17.66 15.32 -35.23
CA GLU C 70 17.75 16.42 -34.29
C GLU C 70 18.07 15.97 -32.87
N TYR C 71 18.16 14.65 -32.63
CA TYR C 71 18.43 14.09 -31.31
C TYR C 71 19.46 12.98 -31.39
N GLY C 72 20.51 13.18 -32.19
CA GLY C 72 21.58 12.18 -32.27
C GLY C 72 21.15 10.83 -32.80
N ASN C 73 20.29 10.80 -33.82
CA ASN C 73 19.92 9.56 -34.52
C ASN C 73 19.17 8.57 -33.60
N ILE C 74 18.58 9.05 -32.50
CA ILE C 74 17.81 8.21 -31.58
C ILE C 74 16.46 7.87 -32.18
N THR C 75 16.11 6.59 -32.18
CA THR C 75 14.85 6.16 -32.77
C THR C 75 13.81 5.72 -31.74
N ASP C 76 14.23 5.41 -30.51
CA ASP C 76 13.32 4.93 -29.48
C ASP C 76 14.00 5.08 -28.12
N PHE C 77 13.19 5.01 -27.06
CA PHE C 77 13.73 4.98 -25.71
C PHE C 77 12.78 4.29 -24.74
N ARG C 78 13.33 3.81 -23.64
CA ARG C 78 12.58 3.23 -22.55
C ARG C 78 12.35 4.28 -21.46
N THR C 79 11.09 4.45 -21.05
CA THR C 79 10.82 5.32 -19.93
C THR C 79 9.75 4.68 -19.05
N SER C 80 9.75 5.08 -17.78
CA SER C 80 8.75 4.61 -16.84
C SER C 80 7.36 4.96 -17.35
N ALA C 81 6.40 4.03 -17.15
CA ALA C 81 5.06 4.27 -17.68
C ALA C 81 4.36 5.43 -16.96
N ALA C 82 4.90 5.86 -15.82
CA ALA C 82 4.41 7.04 -15.11
C ALA C 82 4.58 8.32 -15.93
N ASP C 83 5.62 8.40 -16.76
CA ASP C 83 5.88 9.59 -17.56
C ASP C 83 4.88 9.80 -18.67
N ILE C 84 3.92 8.90 -18.89
CA ILE C 84 3.10 8.98 -20.09
C ILE C 84 1.66 8.58 -19.76
N TRP C 85 0.75 9.14 -20.55
CA TRP C 85 -0.62 8.67 -20.58
C TRP C 85 -0.68 7.20 -21.00
N THR C 86 -1.60 6.45 -20.40
CA THR C 86 -1.89 5.06 -20.74
C THR C 86 -3.39 4.87 -20.88
N PRO C 87 -3.82 3.85 -21.63
CA PRO C 87 -5.26 3.59 -21.78
C PRO C 87 -5.85 2.93 -20.55
N ASP C 88 -7.17 3.10 -20.40
CA ASP C 88 -7.96 2.55 -19.29
C ASP C 88 -8.62 1.26 -19.65
N ILE C 89 -7.91 0.37 -20.30
CA ILE C 89 -8.44 -0.94 -20.66
C ILE C 89 -8.45 -1.76 -19.39
N THR C 90 -9.63 -2.17 -18.95
CA THR C 90 -9.71 -2.89 -17.70
C THR C 90 -10.65 -4.08 -17.83
N ALA C 91 -10.48 -5.03 -16.91
CA ALA C 91 -11.30 -6.23 -16.83
C ALA C 91 -12.67 -5.89 -16.25
N TYR C 92 -13.73 -6.09 -17.04
CA TYR C 92 -15.08 -5.71 -16.63
C TYR C 92 -15.64 -6.62 -15.54
N SER C 93 -14.97 -7.72 -15.22
CA SER C 93 -15.53 -8.68 -14.26
C SER C 93 -14.47 -9.16 -13.27
N SER C 94 -13.54 -8.28 -12.89
CA SER C 94 -12.59 -8.62 -11.85
C SER C 94 -13.23 -8.58 -10.47
N THR C 95 -12.69 -9.38 -9.55
CA THR C 95 -13.15 -9.37 -8.16
C THR C 95 -12.15 -8.79 -7.17
N ARG C 96 -10.89 -8.64 -7.56
CA ARG C 96 -9.84 -8.04 -6.76
C ARG C 96 -9.07 -7.08 -7.65
N PRO C 97 -8.42 -6.07 -7.07
CA PRO C 97 -7.55 -5.22 -7.89
C PRO C 97 -6.40 -6.05 -8.42
N VAL C 98 -6.04 -5.82 -9.69
CA VAL C 98 -4.98 -6.62 -10.27
C VAL C 98 -3.67 -6.28 -9.55
N GLN C 99 -2.76 -7.25 -9.49
CA GLN C 99 -1.44 -7.04 -8.91
C GLN C 99 -0.40 -6.94 -10.02
N VAL C 100 0.45 -5.93 -9.97
CA VAL C 100 1.52 -5.83 -10.95
C VAL C 100 2.67 -6.71 -10.47
N LEU C 101 3.27 -7.44 -11.40
CA LEU C 101 4.32 -8.41 -11.11
C LEU C 101 5.61 -8.11 -11.81
N SER C 102 5.69 -6.98 -12.50
CA SER C 102 6.85 -6.62 -13.28
C SER C 102 7.02 -5.12 -13.21
N PRO C 103 8.15 -4.60 -13.66
CA PRO C 103 8.22 -3.16 -13.89
C PRO C 103 7.17 -2.72 -14.88
N GLN C 104 6.79 -1.45 -14.79
CA GLN C 104 5.91 -0.82 -15.77
C GLN C 104 6.74 0.22 -16.53
N ILE C 105 7.55 -0.28 -17.47
CA ILE C 105 8.34 0.55 -18.38
C ILE C 105 7.80 0.38 -19.78
N ALA C 106 7.69 1.48 -20.51
CA ALA C 106 7.19 1.45 -21.88
C ALA C 106 8.31 1.79 -22.86
N VAL C 107 8.16 1.36 -24.11
CA VAL C 107 9.07 1.76 -25.17
C VAL C 107 8.33 2.71 -26.08
N VAL C 108 8.84 3.93 -26.19
CA VAL C 108 8.33 4.94 -27.12
C VAL C 108 9.27 4.97 -28.31
N THR C 109 8.72 4.93 -29.52
CA THR C 109 9.52 5.09 -30.72
C THR C 109 9.16 6.42 -31.39
N HIS C 110 10.07 6.91 -32.22
CA HIS C 110 10.00 8.28 -32.71
C HIS C 110 8.79 8.54 -33.60
N ASP C 111 8.21 7.53 -34.24
CA ASP C 111 7.00 7.84 -35.00
C ASP C 111 5.80 8.15 -34.10
N GLY C 112 5.94 8.04 -32.79
CA GLY C 112 4.87 8.34 -31.87
C GLY C 112 4.16 7.15 -31.27
N SER C 113 4.65 5.94 -31.50
CA SER C 113 3.98 4.75 -30.97
C SER C 113 4.60 4.33 -29.65
N VAL C 114 3.79 3.66 -28.81
CA VAL C 114 4.20 3.22 -27.48
C VAL C 114 3.88 1.74 -27.32
N MET C 115 4.82 0.98 -26.75
CA MET C 115 4.58 -0.42 -26.41
C MET C 115 4.79 -0.63 -24.91
N PHE C 116 4.02 -1.55 -24.34
CA PHE C 116 3.90 -1.61 -22.88
C PHE C 116 3.36 -2.98 -22.50
N ILE C 117 4.15 -3.77 -21.78
CA ILE C 117 3.76 -5.16 -21.51
C ILE C 117 4.01 -5.53 -20.05
N PRO C 118 3.23 -5.01 -19.12
CA PRO C 118 3.43 -5.39 -17.72
C PRO C 118 2.95 -6.80 -17.45
N ALA C 119 3.48 -7.38 -16.37
CA ALA C 119 3.05 -8.68 -15.90
C ALA C 119 2.07 -8.53 -14.74
N GLN C 120 0.91 -9.17 -14.85
CA GLN C 120 -0.21 -8.92 -13.94
C GLN C 120 -0.76 -10.24 -13.41
N ARG C 121 -1.52 -10.14 -12.32
CA ARG C 121 -2.30 -11.24 -11.77
C ARG C 121 -3.74 -10.78 -11.53
N LEU C 122 -4.69 -11.45 -12.18
CA LEU C 122 -6.11 -11.08 -12.19
C LEU C 122 -6.93 -12.07 -11.38
N SER C 123 -8.02 -11.59 -10.80
CA SER C 123 -9.00 -12.43 -10.13
C SER C 123 -10.37 -12.03 -10.60
N PHE C 124 -11.10 -12.96 -11.21
CA PHE C 124 -12.35 -12.61 -11.81
C PHE C 124 -13.39 -13.69 -11.56
N MET C 125 -14.63 -13.35 -11.89
CA MET C 125 -15.76 -14.24 -11.70
C MET C 125 -15.71 -15.37 -12.71
N CYS C 126 -15.84 -16.59 -12.20
CA CYS C 126 -15.94 -17.80 -12.98
C CYS C 126 -16.33 -18.98 -12.12
N ASP C 127 -17.43 -19.67 -12.50
CA ASP C 127 -17.85 -20.94 -11.91
C ASP C 127 -16.97 -22.06 -12.46
N PRO C 128 -16.14 -22.70 -11.63
CA PRO C 128 -15.22 -23.72 -12.14
C PRO C 128 -15.75 -25.15 -12.09
N THR C 129 -17.00 -25.37 -11.68
CA THR C 129 -17.53 -26.73 -11.58
C THR C 129 -17.44 -27.42 -12.94
N GLY C 130 -16.84 -28.60 -12.95
CA GLY C 130 -16.57 -29.31 -14.18
C GLY C 130 -15.13 -29.26 -14.64
N VAL C 131 -14.19 -28.89 -13.77
CA VAL C 131 -12.80 -28.76 -14.20
C VAL C 131 -12.03 -30.06 -13.99
N ASP C 132 -12.44 -30.89 -13.03
CA ASP C 132 -11.87 -32.19 -12.72
C ASP C 132 -12.27 -33.28 -13.71
N SER C 133 -12.78 -32.90 -14.87
CA SER C 133 -13.16 -33.84 -15.91
C SER C 133 -12.14 -33.84 -17.04
N GLU C 134 -12.61 -34.05 -18.26
CA GLU C 134 -11.83 -33.80 -19.47
C GLU C 134 -12.55 -32.79 -20.34
N GLU C 135 -13.73 -32.36 -19.93
CA GLU C 135 -14.45 -31.27 -20.57
C GLU C 135 -14.04 -29.89 -20.04
N GLY C 136 -13.61 -29.81 -18.78
CA GLY C 136 -13.10 -28.58 -18.20
C GLY C 136 -14.14 -27.47 -18.03
N VAL C 137 -13.65 -26.24 -17.93
CA VAL C 137 -14.52 -25.09 -17.69
C VAL C 137 -14.06 -23.93 -18.56
N THR C 138 -15.00 -23.10 -19.00
CA THR C 138 -14.64 -21.78 -19.47
C THR C 138 -14.68 -20.77 -18.36
N CYS C 139 -13.80 -19.79 -18.48
CA CYS C 139 -14.17 -18.49 -17.98
C CYS C 139 -14.02 -17.51 -19.14
N ALA C 140 -14.75 -16.41 -19.05
CA ALA C 140 -14.55 -15.29 -19.94
C ALA C 140 -14.27 -14.07 -19.06
N VAL C 141 -13.46 -13.15 -19.60
CA VAL C 141 -13.35 -11.79 -19.08
C VAL C 141 -13.42 -10.89 -20.29
N LYS C 142 -14.27 -9.87 -20.21
CA LYS C 142 -14.27 -8.88 -21.27
C LYS C 142 -13.35 -7.74 -20.84
N PHE C 143 -12.50 -7.30 -21.77
CA PHE C 143 -11.65 -6.14 -21.55
C PHE C 143 -12.08 -5.03 -22.49
N GLY C 144 -12.35 -3.85 -21.94
CA GLY C 144 -12.70 -2.71 -22.77
C GLY C 144 -12.32 -1.43 -22.05
N SER C 145 -12.44 -0.31 -22.76
CA SER C 145 -12.26 0.97 -22.08
C SER C 145 -13.36 1.20 -21.06
N TRP C 146 -13.00 1.86 -19.96
CA TRP C 146 -13.93 2.16 -18.89
C TRP C 146 -14.74 3.42 -19.12
N VAL C 147 -14.37 4.24 -20.09
CA VAL C 147 -14.83 5.62 -20.10
C VAL C 147 -15.03 6.07 -21.55
N TYR C 148 -14.28 5.47 -22.46
CA TYR C 148 -14.37 5.81 -23.88
C TYR C 148 -15.18 4.75 -24.63
N SER C 149 -15.96 5.21 -25.60
CA SER C 149 -16.67 4.30 -26.49
C SER C 149 -15.75 3.94 -27.66
N GLY C 150 -16.30 3.25 -28.66
CA GLY C 150 -15.58 2.93 -29.87
C GLY C 150 -15.38 4.08 -30.83
N PHE C 151 -16.10 5.18 -30.66
CA PHE C 151 -15.83 6.37 -31.45
C PHE C 151 -14.63 7.16 -30.93
N GLU C 152 -14.10 6.81 -29.74
CA GLU C 152 -12.93 7.49 -29.21
C GLU C 152 -11.74 6.57 -29.04
N ILE C 153 -11.95 5.32 -28.62
CA ILE C 153 -10.91 4.31 -28.59
C ILE C 153 -11.39 3.12 -29.41
N ASP C 154 -10.63 2.78 -30.45
CA ASP C 154 -10.87 1.56 -31.22
C ASP C 154 -9.97 0.46 -30.68
N LEU C 155 -10.54 -0.49 -29.94
CA LEU C 155 -9.81 -1.66 -29.44
C LEU C 155 -9.69 -2.71 -30.54
N LYS C 156 -8.48 -2.90 -31.08
CA LYS C 156 -8.26 -3.95 -32.06
C LYS C 156 -7.49 -5.09 -31.37
N THR C 157 -7.19 -6.16 -32.10
CA THR C 157 -6.12 -7.04 -31.65
C THR C 157 -5.48 -7.73 -32.85
N ASP C 158 -4.15 -7.78 -32.86
CA ASP C 158 -3.38 -8.40 -33.96
C ASP C 158 -3.70 -9.88 -34.15
N THR C 159 -4.20 -10.58 -33.12
CA THR C 159 -4.44 -12.02 -33.21
C THR C 159 -5.60 -12.38 -32.30
N ASP C 160 -6.35 -13.40 -32.71
CA ASP C 160 -7.45 -13.89 -31.88
C ASP C 160 -7.01 -14.90 -30.84
N GLN C 161 -5.72 -15.23 -30.77
CA GLN C 161 -5.27 -16.35 -29.94
C GLN C 161 -4.16 -15.89 -29.00
N VAL C 162 -4.25 -16.29 -27.73
CA VAL C 162 -3.36 -15.77 -26.69
C VAL C 162 -2.12 -16.64 -26.63
N ASP C 163 -0.96 -16.04 -26.88
CA ASP C 163 0.32 -16.72 -26.81
C ASP C 163 0.44 -17.62 -25.58
N LEU C 164 0.53 -18.93 -25.82
CA LEU C 164 0.77 -19.90 -24.77
C LEU C 164 2.18 -20.42 -24.77
N SER C 165 3.04 -19.90 -25.65
CA SER C 165 4.39 -20.45 -25.78
C SER C 165 5.20 -20.32 -24.50
N SER C 166 4.69 -19.62 -23.48
CA SER C 166 5.40 -19.47 -22.22
C SER C 166 4.52 -19.87 -21.05
N TYR C 167 3.40 -20.55 -21.30
CA TYR C 167 2.58 -21.11 -20.23
C TYR C 167 3.37 -22.15 -19.44
N TYR C 168 3.05 -22.26 -18.15
CA TYR C 168 3.79 -23.13 -17.23
C TYR C 168 3.46 -24.58 -17.53
N ALA C 169 4.36 -25.26 -18.23
CA ALA C 169 4.14 -26.62 -18.67
C ALA C 169 3.94 -27.58 -17.52
N SER C 170 4.23 -27.18 -16.29
CA SER C 170 4.01 -28.05 -15.15
C SER C 170 2.96 -27.49 -14.19
N SER C 171 1.93 -26.84 -14.73
CA SER C 171 0.92 -26.25 -13.86
C SER C 171 -0.06 -27.30 -13.35
N LYS C 172 -0.83 -26.93 -12.33
CA LYS C 172 -1.91 -27.80 -11.90
C LYS C 172 -3.04 -27.89 -12.93
N TYR C 173 -3.03 -27.05 -13.94
CA TYR C 173 -3.94 -27.18 -15.09
C TYR C 173 -3.14 -26.92 -16.34
N GLU C 174 -3.66 -27.38 -17.47
CA GLU C 174 -3.22 -26.82 -18.75
C GLU C 174 -4.44 -26.60 -19.63
N ILE C 175 -4.18 -25.94 -20.75
CA ILE C 175 -5.17 -25.16 -21.47
C ILE C 175 -5.66 -25.94 -22.67
N LEU C 176 -6.97 -26.04 -22.81
CA LEU C 176 -7.53 -26.64 -24.01
C LEU C 176 -7.82 -25.60 -25.09
N SER C 177 -8.18 -24.38 -24.72
CA SER C 177 -8.19 -23.32 -25.71
C SER C 177 -8.09 -21.98 -25.02
N ALA C 178 -7.63 -20.98 -25.77
CA ALA C 178 -7.32 -19.66 -25.22
C ALA C 178 -7.52 -18.63 -26.33
N THR C 179 -8.61 -17.88 -26.26
CA THR C 179 -8.94 -16.93 -27.31
C THR C 179 -9.03 -15.50 -26.76
N GLN C 180 -8.65 -14.54 -27.62
CA GLN C 180 -8.85 -13.11 -27.36
C GLN C 180 -9.55 -12.50 -28.59
N THR C 181 -10.86 -12.33 -28.50
CA THR C 181 -11.64 -11.96 -29.69
C THR C 181 -12.31 -10.60 -29.47
N ARG C 182 -12.01 -9.66 -30.34
CA ARG C 182 -12.69 -8.38 -30.33
C ARG C 182 -14.18 -8.56 -30.59
N GLN C 183 -15.01 -7.85 -29.83
CA GLN C 183 -16.46 -7.86 -29.98
C GLN C 183 -17.00 -6.45 -29.99
N VAL C 184 -17.84 -6.12 -30.97
CA VAL C 184 -18.59 -4.88 -31.01
C VAL C 184 -20.04 -5.15 -30.62
N GLN C 185 -20.61 -4.32 -29.75
CA GLN C 185 -22.03 -4.34 -29.47
C GLN C 185 -22.60 -2.93 -29.56
N HIS C 186 -23.88 -2.85 -29.89
CA HIS C 186 -24.59 -1.58 -29.91
C HIS C 186 -25.67 -1.61 -28.86
N TYR C 187 -26.30 -0.47 -28.66
CA TYR C 187 -27.43 -0.39 -27.76
C TYR C 187 -28.57 0.32 -28.46
N SER C 188 -29.78 -0.21 -28.24
CA SER C 188 -30.99 0.24 -28.90
C SER C 188 -31.14 1.76 -28.83
N CYS C 189 -30.72 2.36 -27.70
CA CYS C 189 -30.87 3.79 -27.49
C CYS C 189 -29.91 4.62 -28.33
N CYS C 190 -28.77 4.06 -28.74
CA CYS C 190 -27.59 4.89 -28.90
C CYS C 190 -26.73 4.51 -30.10
N PRO C 191 -26.16 5.52 -30.80
CA PRO C 191 -25.46 5.25 -32.08
C PRO C 191 -24.07 4.68 -31.93
N GLU C 192 -23.36 5.04 -30.87
CA GLU C 192 -21.95 4.72 -30.78
C GLU C 192 -21.75 3.23 -30.48
N PRO C 193 -20.69 2.64 -30.99
CA PRO C 193 -20.37 1.25 -30.69
C PRO C 193 -19.54 1.11 -29.42
N TYR C 194 -19.53 -0.12 -28.89
CA TYR C 194 -18.77 -0.42 -27.67
C TYR C 194 -18.01 -1.71 -27.87
N ILE C 195 -16.69 -1.61 -27.84
CA ILE C 195 -15.82 -2.73 -28.11
C ILE C 195 -15.29 -3.27 -26.80
N ASP C 196 -15.24 -4.58 -26.69
CA ASP C 196 -14.44 -5.23 -25.68
C ASP C 196 -13.63 -6.30 -26.37
N VAL C 197 -12.68 -6.88 -25.65
CA VAL C 197 -11.99 -8.07 -26.08
C VAL C 197 -12.39 -9.17 -25.12
N ASN C 198 -13.06 -10.19 -25.66
CA ASN C 198 -13.46 -11.34 -24.85
C ASN C 198 -12.28 -12.30 -24.79
N LEU C 199 -11.78 -12.54 -23.59
CA LEU C 199 -10.70 -13.49 -23.36
C LEU C 199 -11.32 -14.75 -22.78
N VAL C 200 -11.14 -15.87 -23.45
CA VAL C 200 -11.86 -17.10 -23.10
C VAL C 200 -10.87 -18.25 -23.02
N VAL C 201 -10.87 -18.98 -21.90
CA VAL C 201 -10.02 -20.17 -21.79
C VAL C 201 -10.79 -21.34 -21.19
N LYS C 202 -10.81 -22.48 -21.92
CA LYS C 202 -11.13 -23.82 -21.44
C LYS C 202 -9.84 -24.52 -20.95
N PHE C 203 -9.96 -25.21 -19.84
CA PHE C 203 -8.83 -25.82 -19.17
C PHE C 203 -9.39 -26.88 -18.21
N ARG C 204 -8.56 -27.88 -17.89
CA ARG C 204 -8.97 -28.89 -16.93
C ARG C 204 -7.77 -29.22 -16.07
N GLU C 205 -8.04 -29.90 -14.96
CA GLU C 205 -6.94 -30.37 -14.13
C GLU C 205 -6.08 -31.36 -14.92
N ARG C 206 -4.88 -31.59 -14.40
CA ARG C 206 -3.87 -32.45 -15.01
C ARG C 206 -4.19 -33.92 -14.69
N ARG C 207 -4.63 -34.67 -15.68
CA ARG C 207 -4.93 -36.09 -15.41
C ARG C 207 -3.89 -37.02 -16.04
N GLY D 1 -29.18 -2.57 -19.80
CA GLY D 1 -28.66 -2.59 -21.16
C GLY D 1 -27.44 -1.69 -21.28
N CYS D 2 -27.65 -0.44 -21.70
CA CYS D 2 -26.55 0.51 -21.76
C CYS D 2 -26.10 0.90 -20.35
N CYS D 3 -27.04 1.16 -19.44
CA CYS D 3 -26.68 1.59 -18.09
C CYS D 3 -25.85 0.57 -17.32
N SER D 4 -25.74 -0.66 -17.82
CA SER D 4 -24.88 -1.66 -17.19
C SER D 4 -23.47 -1.66 -17.79
N HIS D 5 -23.21 -0.80 -18.77
CA HIS D 5 -21.89 -0.71 -19.35
C HIS D 5 -21.25 0.60 -18.96
N PRO D 6 -20.13 0.56 -18.23
CA PRO D 6 -19.59 1.78 -17.61
C PRO D 6 -19.37 2.93 -18.59
N ALA D 7 -18.76 2.67 -19.75
CA ALA D 7 -18.52 3.76 -20.69
C ALA D 7 -19.82 4.30 -21.26
N CYS D 8 -20.81 3.42 -21.49
CA CYS D 8 -22.07 3.87 -22.06
C CYS D 8 -22.85 4.71 -21.07
N ASN D 9 -22.81 4.34 -19.79
CA ASN D 9 -23.52 5.11 -18.78
C ASN D 9 -22.96 6.53 -18.64
N VAL D 10 -21.66 6.68 -18.36
CA VAL D 10 -21.14 8.05 -18.17
C VAL D 10 -21.32 8.89 -19.42
N ALA D 11 -21.60 8.27 -20.53
CA ALA D 11 -21.80 9.01 -21.75
C ALA D 11 -23.24 9.41 -21.96
N HIS D 12 -24.15 8.79 -21.23
CA HIS D 12 -25.56 9.06 -21.40
C HIS D 12 -26.30 9.33 -20.12
N PRO D 13 -26.16 10.55 -19.64
CA PRO D 13 -26.82 10.96 -18.40
C PRO D 13 -28.33 10.95 -18.56
N GLU D 14 -28.82 11.31 -19.73
CA GLU D 14 -30.26 11.34 -19.92
C GLU D 14 -30.90 9.97 -19.82
N ILE D 15 -30.20 8.90 -20.11
CA ILE D 15 -30.86 7.61 -20.01
C ILE D 15 -30.69 6.99 -18.64
N CYS D 16 -29.55 7.23 -18.00
CA CYS D 16 -29.17 6.41 -16.83
C CYS D 16 -29.10 7.14 -15.49
N NH2 D 17 -29.59 6.48 -14.44
N SER E 1 36.24 15.37 6.53
CA SER E 1 35.10 16.07 7.12
C SER E 1 33.76 15.56 6.56
N GLN E 2 32.82 15.31 7.47
CA GLN E 2 31.41 14.96 7.23
C GLN E 2 30.79 15.74 6.07
N ALA E 3 31.34 16.92 5.76
CA ALA E 3 30.79 17.80 4.75
C ALA E 3 31.36 17.56 3.36
N ASN E 4 32.53 16.95 3.23
CA ASN E 4 32.95 16.58 1.89
C ASN E 4 32.00 15.56 1.30
N LEU E 5 31.61 14.59 2.13
CA LEU E 5 30.65 13.58 1.71
C LEU E 5 29.35 14.23 1.25
N MET E 6 28.90 15.25 1.96
CA MET E 6 27.67 15.92 1.57
C MET E 6 27.82 16.62 0.22
N ARG E 7 28.92 17.35 0.05
CA ARG E 7 29.14 18.07 -1.21
C ARG E 7 29.23 17.09 -2.38
N LEU E 8 29.93 15.97 -2.19
CA LEU E 8 30.06 14.96 -3.24
C LEU E 8 28.69 14.40 -3.64
N LYS E 9 27.89 14.01 -2.64
CA LYS E 9 26.54 13.55 -2.92
C LYS E 9 25.73 14.63 -3.63
N SER E 10 25.86 15.88 -3.16
CA SER E 10 25.11 16.97 -3.77
C SER E 10 25.50 17.18 -5.22
N ASP E 11 26.80 17.09 -5.50
CA ASP E 11 27.28 17.31 -6.85
C ASP E 11 26.94 16.17 -7.80
N LEU E 12 26.36 15.07 -7.31
CA LEU E 12 26.06 13.92 -8.16
C LEU E 12 24.59 13.73 -8.45
N PHE E 13 23.72 14.20 -7.56
CA PHE E 13 22.29 13.95 -7.68
C PHE E 13 21.45 15.23 -7.83
N ASN E 14 21.90 16.35 -7.27
CA ASN E 14 21.59 17.68 -7.81
C ASN E 14 22.66 18.12 -8.83
N ARG E 15 23.26 17.15 -9.54
CA ARG E 15 24.16 17.39 -10.68
C ARG E 15 23.37 17.66 -11.94
N SER E 16 22.59 16.66 -12.38
CA SER E 16 21.84 16.58 -13.62
C SER E 16 20.76 15.54 -13.35
N PRO E 17 19.84 15.26 -14.29
CA PRO E 17 18.87 14.17 -14.07
C PRO E 17 19.58 12.84 -14.01
N MET E 18 18.81 11.81 -13.68
CA MET E 18 19.39 10.48 -13.63
C MET E 18 19.84 10.07 -15.03
N TYR E 19 20.88 9.26 -15.06
CA TYR E 19 21.17 8.36 -16.14
C TYR E 19 19.85 7.92 -16.77
N PRO E 20 19.60 8.26 -18.02
CA PRO E 20 18.32 7.88 -18.66
C PRO E 20 18.22 6.39 -18.96
N GLY E 21 19.15 5.61 -18.42
CA GLY E 21 19.18 4.20 -18.67
C GLY E 21 20.17 3.84 -19.77
N PRO E 22 20.58 2.57 -19.80
CA PRO E 22 21.49 2.13 -20.85
C PRO E 22 20.87 2.22 -22.22
N THR E 23 21.65 2.69 -23.18
CA THR E 23 21.30 2.64 -24.57
C THR E 23 22.20 1.61 -25.25
N LYS E 24 22.35 1.75 -26.56
CA LYS E 24 23.20 0.87 -27.33
C LYS E 24 24.53 1.47 -27.71
N ASP E 25 24.57 2.78 -27.89
CA ASP E 25 25.83 3.48 -28.03
C ASP E 25 26.49 3.75 -26.68
N ASP E 26 25.88 3.23 -25.59
CA ASP E 26 26.38 3.24 -24.21
C ASP E 26 25.79 2.07 -23.42
N PRO E 27 26.03 0.82 -23.81
CA PRO E 27 25.48 -0.31 -23.04
C PRO E 27 26.17 -0.48 -21.70
N LEU E 28 25.61 -1.38 -20.87
CA LEU E 28 26.22 -1.66 -19.57
C LEU E 28 25.92 -3.09 -19.16
N THR E 29 26.80 -3.67 -18.35
CA THR E 29 26.61 -5.06 -17.95
C THR E 29 26.39 -5.14 -16.44
N VAL E 30 25.62 -6.16 -16.03
CA VAL E 30 25.05 -6.26 -14.69
C VAL E 30 25.30 -7.67 -14.17
N THR E 31 25.84 -7.76 -12.96
CA THR E 31 26.13 -9.06 -12.35
C THR E 31 25.08 -9.36 -11.28
N LEU E 32 24.66 -10.62 -11.19
CA LEU E 32 23.76 -11.07 -10.15
C LEU E 32 24.32 -12.28 -9.44
N GLY E 33 24.07 -12.32 -8.14
CA GLY E 33 24.40 -13.47 -7.35
C GLY E 33 23.40 -13.65 -6.23
N PHE E 34 22.61 -14.70 -6.31
CA PHE E 34 21.66 -15.00 -5.26
C PHE E 34 22.35 -15.72 -4.11
N THR E 35 21.98 -15.35 -2.90
CA THR E 35 22.35 -16.12 -1.73
C THR E 35 21.03 -16.51 -1.07
N LEU E 36 20.80 -17.80 -0.93
CA LEU E 36 19.48 -18.29 -0.58
C LEU E 36 19.40 -18.60 0.91
N GLN E 37 18.25 -18.33 1.50
CA GLN E 37 18.15 -18.31 2.95
C GLN E 37 17.05 -19.18 3.53
N ASP E 38 15.94 -19.33 2.83
CA ASP E 38 14.91 -20.23 3.31
C ASP E 38 13.88 -20.49 2.22
N ILE E 39 13.67 -21.77 1.89
CA ILE E 39 12.40 -22.20 1.32
C ILE E 39 11.41 -22.15 2.47
N VAL E 40 10.54 -21.14 2.50
CA VAL E 40 9.73 -20.96 3.69
C VAL E 40 8.46 -21.80 3.63
N LYS E 41 7.74 -21.74 2.50
CA LYS E 41 6.52 -22.52 2.38
C LYS E 41 6.34 -23.00 0.93
N VAL E 42 5.77 -24.20 0.81
CA VAL E 42 5.33 -24.72 -0.48
C VAL E 42 3.81 -24.73 -0.46
N ASP E 43 3.22 -24.78 -1.65
CA ASP E 43 1.77 -24.92 -1.77
C ASP E 43 1.49 -25.92 -2.88
N SER E 44 0.97 -27.09 -2.50
CA SER E 44 0.76 -28.17 -3.45
C SER E 44 -0.50 -27.97 -4.29
N SER E 45 -1.48 -27.22 -3.78
CA SER E 45 -2.75 -27.01 -4.47
C SER E 45 -2.74 -25.82 -5.44
N THR E 46 -1.62 -25.09 -5.53
CA THR E 46 -1.48 -23.99 -6.47
C THR E 46 -0.19 -24.05 -7.26
N ASN E 47 0.77 -24.87 -6.84
CA ASN E 47 2.09 -24.96 -7.47
C ASN E 47 2.86 -23.65 -7.32
N GLU E 48 2.76 -23.04 -6.13
CA GLU E 48 3.55 -21.90 -5.69
C GLU E 48 4.52 -22.34 -4.60
N VAL E 49 5.71 -21.75 -4.60
CA VAL E 49 6.61 -21.87 -3.46
C VAL E 49 7.23 -20.51 -3.19
N ASP E 50 7.41 -20.20 -1.91
CA ASP E 50 7.99 -18.95 -1.45
C ASP E 50 9.39 -19.22 -0.94
N LEU E 51 10.36 -18.44 -1.41
CA LEU E 51 11.67 -18.44 -0.80
C LEU E 51 12.11 -17.02 -0.49
N VAL E 52 12.96 -16.88 0.52
CA VAL E 52 13.55 -15.59 0.83
C VAL E 52 15.04 -15.72 0.57
N TYR E 53 15.63 -14.62 0.10
CA TYR E 53 16.98 -14.66 -0.43
C TYR E 53 17.52 -13.25 -0.52
N TYR E 54 18.84 -13.16 -0.61
CA TYR E 54 19.52 -11.95 -1.03
C TYR E 54 19.75 -12.01 -2.53
N GLU E 55 19.62 -10.86 -3.20
CA GLU E 55 19.81 -10.77 -4.64
C GLU E 55 20.91 -9.75 -4.87
N GLN E 56 22.02 -10.17 -5.46
CA GLN E 56 23.16 -9.27 -5.53
C GLN E 56 23.26 -8.65 -6.91
N GLN E 57 23.39 -7.35 -6.96
CA GLN E 57 23.41 -6.67 -8.24
C GLN E 57 24.57 -5.72 -8.25
N ARG E 58 25.28 -5.69 -9.39
CA ARG E 58 26.42 -4.81 -9.53
C ARG E 58 26.54 -4.32 -10.97
N TRP E 59 26.85 -3.03 -11.10
CA TRP E 59 27.02 -2.40 -12.39
C TRP E 59 27.91 -1.18 -12.22
N LYS E 60 28.10 -0.45 -13.32
CA LYS E 60 29.06 0.65 -13.38
C LYS E 60 28.53 1.74 -14.28
N LEU E 61 28.64 2.99 -13.83
CA LEU E 61 28.19 4.13 -14.62
C LEU E 61 29.26 5.22 -14.62
N ASN E 62 29.49 5.83 -15.79
CA ASN E 62 30.39 6.97 -15.85
C ASN E 62 29.75 8.22 -15.28
N SER E 63 28.41 8.30 -15.26
CA SER E 63 27.75 9.44 -14.65
C SER E 63 28.03 9.54 -13.16
N LEU E 64 28.73 8.56 -12.59
CA LEU E 64 28.89 8.43 -11.15
C LEU E 64 30.34 8.38 -10.68
N MET E 65 31.32 8.56 -11.56
CA MET E 65 32.71 8.51 -11.11
C MET E 65 33.12 9.85 -10.52
N TRP E 66 34.11 9.80 -9.62
CA TRP E 66 34.67 11.01 -9.03
C TRP E 66 36.09 10.75 -8.59
N ASP E 67 36.85 11.84 -8.46
CA ASP E 67 38.24 11.77 -8.04
C ASP E 67 38.31 11.92 -6.53
N PRO E 68 38.75 10.90 -5.80
CA PRO E 68 38.78 11.02 -4.33
C PRO E 68 39.57 12.22 -3.83
N ASN E 69 40.73 12.51 -4.44
CA ASN E 69 41.56 13.61 -3.95
C ASN E 69 40.94 14.99 -4.17
N GLU E 70 39.65 14.99 -4.52
CA GLU E 70 38.83 16.19 -4.62
C GLU E 70 37.74 16.28 -3.56
N TYR E 71 37.51 15.19 -2.82
CA TYR E 71 36.39 15.12 -1.91
C TYR E 71 36.86 14.56 -0.58
N GLY E 72 37.87 15.20 0.01
CA GLY E 72 38.39 14.74 1.29
C GLY E 72 38.88 13.32 1.28
N ASN E 73 39.41 12.84 0.14
CA ASN E 73 39.96 11.48 0.01
C ASN E 73 38.89 10.42 0.31
N ILE E 74 37.69 10.60 -0.25
CA ILE E 74 36.57 9.68 -0.03
C ILE E 74 36.56 8.65 -1.14
N THR E 75 36.74 7.38 -0.78
CA THR E 75 36.69 6.30 -1.75
C THR E 75 35.26 5.92 -2.13
N ASP E 76 34.36 5.76 -1.15
CA ASP E 76 33.06 5.17 -1.39
C ASP E 76 32.03 5.79 -0.44
N PHE E 77 30.75 5.54 -0.70
CA PHE E 77 29.72 6.00 0.20
C PHE E 77 28.42 5.24 0.00
N ARG E 78 27.58 5.25 1.03
CA ARG E 78 26.28 4.59 1.05
C ARG E 78 25.18 5.59 0.74
N THR E 79 24.21 5.17 -0.09
CA THR E 79 23.06 6.01 -0.42
C THR E 79 21.83 5.14 -0.65
N SER E 80 20.67 5.72 -0.37
CA SER E 80 19.40 5.09 -0.67
C SER E 80 19.32 4.77 -2.15
N ALA E 81 18.90 3.55 -2.48
CA ALA E 81 18.78 3.15 -3.87
C ALA E 81 17.79 4.00 -4.67
N ALA E 82 16.95 4.78 -3.98
CA ALA E 82 16.11 5.75 -4.65
C ALA E 82 16.90 6.89 -5.28
N ASP E 83 18.13 7.13 -4.83
CA ASP E 83 18.92 8.26 -5.31
C ASP E 83 19.60 7.97 -6.66
N ILE E 84 19.66 6.71 -7.07
CA ILE E 84 20.31 6.33 -8.32
C ILE E 84 19.40 5.44 -9.17
N TRP E 85 19.77 5.34 -10.43
CA TRP E 85 19.13 4.42 -11.36
C TRP E 85 19.51 3.00 -10.99
N THR E 86 18.53 2.10 -11.05
CA THR E 86 18.76 0.70 -10.75
C THR E 86 18.26 -0.14 -11.93
N PRO E 87 18.80 -1.32 -12.15
CA PRO E 87 18.37 -2.12 -13.29
C PRO E 87 17.07 -2.85 -13.00
N ASP E 88 16.36 -3.15 -14.08
CA ASP E 88 15.04 -3.79 -14.04
C ASP E 88 15.15 -5.31 -14.05
N ILE E 89 16.00 -5.89 -13.22
CA ILE E 89 16.13 -7.34 -13.21
C ILE E 89 14.91 -7.90 -12.49
N THR E 90 14.15 -8.75 -13.17
CA THR E 90 12.95 -9.28 -12.55
C THR E 90 12.76 -10.76 -12.88
N ALA E 91 12.13 -11.48 -11.95
CA ALA E 91 11.79 -12.88 -12.15
C ALA E 91 10.67 -12.99 -13.17
N TYR E 92 10.82 -13.90 -14.13
CA TYR E 92 9.86 -13.97 -15.22
C TYR E 92 8.63 -14.80 -14.89
N SER E 93 8.70 -15.64 -13.85
CA SER E 93 7.63 -16.57 -13.52
C SER E 93 7.17 -16.39 -12.09
N SER E 94 7.24 -15.15 -11.60
CA SER E 94 6.75 -14.84 -10.27
C SER E 94 5.24 -14.99 -10.22
N THR E 95 4.73 -15.20 -9.01
CA THR E 95 3.31 -15.42 -8.78
C THR E 95 2.64 -14.26 -8.06
N ARG E 96 3.38 -13.53 -7.24
CA ARG E 96 2.89 -12.41 -6.47
C ARG E 96 3.97 -11.34 -6.48
N PRO E 97 3.61 -10.08 -6.22
CA PRO E 97 4.63 -9.03 -6.12
C PRO E 97 5.67 -9.39 -5.07
N VAL E 98 6.93 -9.15 -5.39
CA VAL E 98 8.01 -9.48 -4.47
C VAL E 98 7.95 -8.54 -3.26
N GLN E 99 8.17 -9.09 -2.08
CA GLN E 99 8.31 -8.31 -0.86
C GLN E 99 9.80 -8.09 -0.54
N VAL E 100 10.15 -6.87 -0.19
CA VAL E 100 11.52 -6.58 0.22
C VAL E 100 11.57 -6.56 1.75
N LEU E 101 12.52 -7.32 2.31
CA LEU E 101 12.65 -7.55 3.74
C LEU E 101 13.90 -6.92 4.32
N SER E 102 14.44 -5.92 3.63
CA SER E 102 15.61 -5.20 4.13
C SER E 102 15.55 -3.78 3.57
N PRO E 103 16.45 -2.91 4.02
CA PRO E 103 16.61 -1.61 3.36
C PRO E 103 17.11 -1.78 1.94
N GLN E 104 16.99 -0.70 1.17
CA GLN E 104 17.51 -0.71 -0.19
C GLN E 104 18.56 0.38 -0.27
N ILE E 105 19.77 0.07 0.20
CA ILE E 105 20.87 1.01 0.26
C ILE E 105 22.03 0.46 -0.55
N ALA E 106 22.54 1.27 -1.48
CA ALA E 106 23.63 0.86 -2.36
C ALA E 106 24.93 1.48 -1.87
N VAL E 107 26.04 0.81 -2.17
CA VAL E 107 27.37 1.37 -1.96
C VAL E 107 27.94 1.72 -3.33
N VAL E 108 28.12 3.02 -3.56
CA VAL E 108 28.71 3.57 -4.77
C VAL E 108 30.15 3.97 -4.47
N THR E 109 31.09 3.38 -5.20
CA THR E 109 32.52 3.68 -5.05
C THR E 109 33.00 4.64 -6.15
N HIS E 110 34.17 5.26 -5.91
CA HIS E 110 34.59 6.45 -6.65
C HIS E 110 34.83 6.21 -8.14
N ASP E 111 35.09 4.98 -8.57
CA ASP E 111 35.15 4.74 -10.00
C ASP E 111 33.78 4.45 -10.60
N GLY E 112 32.73 4.46 -9.78
CA GLY E 112 31.38 4.42 -10.27
C GLY E 112 30.60 3.16 -9.97
N SER E 113 31.15 2.21 -9.20
CA SER E 113 30.47 0.94 -8.97
C SER E 113 29.27 1.14 -8.09
N VAL E 114 28.24 0.35 -8.35
CA VAL E 114 27.14 0.19 -7.44
C VAL E 114 27.12 -1.27 -7.01
N MET E 115 27.00 -1.50 -5.71
CA MET E 115 26.66 -2.79 -5.17
C MET E 115 25.40 -2.62 -4.32
N PHE E 116 24.61 -3.69 -4.28
CA PHE E 116 23.22 -3.57 -3.86
C PHE E 116 22.71 -4.97 -3.53
N ILE E 117 22.47 -5.23 -2.24
CA ILE E 117 21.91 -6.51 -1.77
C ILE E 117 20.57 -6.33 -1.06
N PRO E 118 19.47 -6.20 -1.77
CA PRO E 118 18.18 -6.24 -1.08
C PRO E 118 17.83 -7.68 -0.70
N ALA E 119 17.19 -7.82 0.46
CA ALA E 119 16.58 -9.07 0.85
C ALA E 119 15.13 -9.12 0.36
N GLN E 120 14.76 -10.24 -0.27
CA GLN E 120 13.46 -10.36 -0.93
C GLN E 120 12.77 -11.64 -0.52
N ARG E 121 11.45 -11.59 -0.42
CA ARG E 121 10.64 -12.80 -0.44
C ARG E 121 9.85 -12.84 -1.75
N LEU E 122 9.87 -13.99 -2.42
CA LEU E 122 9.24 -14.11 -3.73
C LEU E 122 8.48 -15.42 -3.81
N SER E 123 7.32 -15.38 -4.45
CA SER E 123 6.52 -16.56 -4.77
C SER E 123 6.56 -16.81 -6.27
N PHE E 124 6.97 -18.01 -6.67
CA PHE E 124 7.04 -18.31 -8.09
C PHE E 124 6.42 -19.66 -8.37
N MET E 125 6.31 -19.97 -9.67
CA MET E 125 5.65 -21.18 -10.16
C MET E 125 6.57 -22.40 -10.06
N CYS E 126 6.06 -23.50 -9.49
CA CYS E 126 6.86 -24.65 -9.12
C CYS E 126 6.02 -25.90 -8.81
N ASP E 127 6.35 -27.08 -9.38
CA ASP E 127 5.59 -28.30 -9.07
C ASP E 127 6.21 -29.10 -7.94
N PRO E 128 5.74 -28.96 -6.70
CA PRO E 128 6.43 -29.56 -5.55
C PRO E 128 6.05 -31.01 -5.26
N THR E 129 4.98 -31.53 -5.87
CA THR E 129 4.58 -32.92 -5.67
C THR E 129 5.80 -33.82 -5.95
N GLY E 130 6.40 -34.32 -4.87
CA GLY E 130 7.62 -35.11 -4.94
C GLY E 130 8.71 -34.67 -3.97
N VAL E 131 8.39 -33.78 -3.02
CA VAL E 131 9.40 -33.35 -2.04
C VAL E 131 9.40 -34.19 -0.77
N ASP E 132 8.39 -35.03 -0.56
CA ASP E 132 8.35 -35.95 0.58
C ASP E 132 9.17 -37.21 0.33
N SER E 133 10.16 -37.11 -0.54
CA SER E 133 10.96 -38.26 -0.93
C SER E 133 12.41 -38.01 -0.55
N GLU E 134 13.33 -38.78 -1.14
CA GLU E 134 14.75 -38.55 -0.93
C GLU E 134 15.38 -37.75 -2.06
N GLU E 135 14.75 -37.72 -3.23
CA GLU E 135 15.21 -36.97 -4.39
C GLU E 135 14.69 -35.53 -4.38
N GLY E 136 13.41 -35.36 -4.02
CA GLY E 136 12.80 -34.04 -3.99
C GLY E 136 12.29 -33.53 -5.33
N VAL E 137 12.42 -32.22 -5.55
CA VAL E 137 12.00 -31.58 -6.80
C VAL E 137 13.04 -30.55 -7.20
N THR E 138 13.15 -30.31 -8.52
CA THR E 138 13.77 -29.10 -9.03
C THR E 138 12.71 -28.04 -9.29
N CYS E 139 13.03 -26.77 -8.99
CA CYS E 139 12.21 -25.68 -9.52
C CYS E 139 13.11 -24.62 -10.16
N ALA E 140 12.51 -23.85 -11.05
CA ALA E 140 13.28 -22.97 -11.91
C ALA E 140 12.64 -21.59 -11.92
N VAL E 141 13.46 -20.55 -11.77
CA VAL E 141 13.04 -19.17 -12.06
C VAL E 141 14.09 -18.52 -12.94
N LYS E 142 13.65 -17.95 -14.05
CA LYS E 142 14.55 -17.19 -14.89
C LYS E 142 14.48 -15.72 -14.47
N PHE E 143 15.65 -15.10 -14.27
CA PHE E 143 15.77 -13.68 -13.99
C PHE E 143 16.44 -12.97 -15.16
N GLY E 144 15.82 -11.90 -15.64
CA GLY E 144 16.44 -11.11 -16.69
C GLY E 144 15.83 -9.73 -16.63
N SER E 145 16.28 -8.86 -17.52
CA SER E 145 15.73 -7.51 -17.49
C SER E 145 14.47 -7.47 -18.32
N TRP E 146 13.61 -6.50 -18.03
CA TRP E 146 12.25 -6.51 -18.56
C TRP E 146 12.09 -5.76 -19.87
N VAL E 147 13.01 -4.86 -20.23
CA VAL E 147 12.83 -4.08 -21.44
C VAL E 147 14.15 -3.92 -22.17
N TYR E 148 15.22 -4.38 -21.56
CA TYR E 148 16.53 -4.25 -22.17
C TYR E 148 16.93 -5.61 -22.71
N SER E 149 17.05 -5.71 -24.03
CA SER E 149 17.56 -6.92 -24.62
C SER E 149 18.98 -7.16 -24.11
N GLY E 150 19.39 -8.43 -24.13
CA GLY E 150 20.76 -8.76 -23.78
C GLY E 150 21.79 -7.92 -24.50
N PHE E 151 21.37 -7.25 -25.57
CA PHE E 151 22.21 -6.25 -26.21
C PHE E 151 22.59 -5.21 -25.18
N GLU E 152 21.61 -4.45 -24.63
CA GLU E 152 21.92 -3.25 -23.83
C GLU E 152 22.27 -3.54 -22.37
N ILE E 153 21.87 -4.68 -21.85
CA ILE E 153 22.22 -5.06 -20.50
C ILE E 153 22.71 -6.48 -20.61
N ASP E 154 24.02 -6.67 -20.49
CA ASP E 154 24.58 -8.02 -20.43
C ASP E 154 24.50 -8.53 -18.99
N LEU E 155 23.79 -9.63 -18.79
CA LEU E 155 23.82 -10.29 -17.49
C LEU E 155 25.06 -11.16 -17.33
N LYS E 156 25.27 -11.69 -16.12
CA LYS E 156 26.55 -12.33 -15.78
C LYS E 156 26.56 -12.81 -14.32
N THR E 157 26.97 -14.06 -14.08
CA THR E 157 27.01 -14.62 -12.72
C THR E 157 28.47 -14.85 -12.34
N ASP E 158 28.87 -14.29 -11.21
CA ASP E 158 30.26 -14.41 -10.75
C ASP E 158 30.65 -15.87 -10.59
N THR E 159 30.07 -16.53 -9.60
CA THR E 159 30.08 -17.98 -9.49
C THR E 159 28.75 -18.54 -9.98
N ASP E 160 28.75 -19.82 -10.34
CA ASP E 160 27.52 -20.48 -10.78
C ASP E 160 26.79 -21.17 -9.63
N GLN E 161 27.28 -21.05 -8.41
CA GLN E 161 26.69 -21.73 -7.25
C GLN E 161 26.13 -20.70 -6.29
N VAL E 162 24.84 -20.78 -5.97
CA VAL E 162 24.29 -19.79 -5.06
C VAL E 162 24.87 -20.03 -3.68
N ASP E 163 25.00 -18.95 -2.91
CA ASP E 163 25.51 -19.05 -1.55
C ASP E 163 24.44 -19.66 -0.65
N LEU E 164 24.81 -20.73 0.07
CA LEU E 164 23.92 -21.30 1.07
C LEU E 164 24.53 -21.30 2.47
N SER E 165 25.68 -20.65 2.67
CA SER E 165 26.33 -20.51 3.98
C SER E 165 25.51 -19.67 5.00
N SER E 166 24.27 -19.33 4.66
CA SER E 166 23.40 -18.57 5.54
C SER E 166 21.99 -19.15 5.49
N TYR E 167 21.80 -20.25 4.79
CA TYR E 167 20.49 -20.89 4.73
C TYR E 167 20.07 -21.35 6.11
N TYR E 168 18.76 -21.34 6.35
CA TYR E 168 18.23 -21.61 7.69
C TYR E 168 18.56 -23.02 8.13
N ALA E 169 19.08 -23.16 9.35
CA ALA E 169 19.41 -24.47 9.88
C ALA E 169 18.18 -25.36 9.98
N SER E 170 17.19 -24.95 10.76
CA SER E 170 15.98 -25.75 11.00
C SER E 170 14.86 -25.45 10.00
N SER E 171 15.17 -25.18 8.74
CA SER E 171 14.11 -25.01 7.76
C SER E 171 13.48 -26.36 7.44
N LYS E 172 12.21 -26.32 7.07
CA LYS E 172 11.55 -27.58 6.78
C LYS E 172 11.91 -28.17 5.44
N TYR E 173 12.85 -27.55 4.72
CA TYR E 173 13.36 -28.07 3.46
C TYR E 173 14.86 -27.93 3.49
N GLU E 174 15.57 -29.03 3.27
CA GLU E 174 17.01 -28.96 3.07
C GLU E 174 17.26 -28.85 1.57
N ILE E 175 18.33 -28.17 1.21
CA ILE E 175 18.62 -27.88 -0.20
C ILE E 175 19.82 -28.71 -0.64
N LEU E 176 19.70 -29.29 -1.84
CA LEU E 176 20.61 -30.28 -2.40
C LEU E 176 21.47 -29.73 -3.53
N SER E 177 20.85 -29.13 -4.54
CA SER E 177 21.55 -28.36 -5.55
C SER E 177 20.94 -26.96 -5.54
N ALA E 178 21.68 -26.00 -6.10
CA ALA E 178 21.21 -24.62 -6.15
C ALA E 178 22.09 -23.78 -7.07
N THR E 179 21.81 -23.82 -8.37
CA THR E 179 22.72 -23.28 -9.37
C THR E 179 22.26 -21.90 -9.85
N GLN E 180 23.21 -21.18 -10.46
CA GLN E 180 23.03 -19.80 -10.96
C GLN E 180 23.52 -19.71 -12.40
N THR E 181 22.91 -20.43 -13.33
CA THR E 181 23.51 -20.54 -14.66
C THR E 181 23.01 -19.42 -15.58
N ARG E 182 23.89 -18.93 -16.47
CA ARG E 182 23.57 -17.81 -17.35
C ARG E 182 23.20 -18.33 -18.74
N GLN E 183 21.96 -18.08 -19.17
CA GLN E 183 21.40 -18.60 -20.40
C GLN E 183 21.20 -17.50 -21.44
N VAL E 184 21.60 -17.78 -22.69
CA VAL E 184 21.41 -16.89 -23.83
C VAL E 184 20.61 -17.63 -24.88
N GLN E 185 19.70 -16.92 -25.54
CA GLN E 185 18.86 -17.48 -26.59
C GLN E 185 18.59 -16.38 -27.60
N HIS E 186 18.53 -16.75 -28.88
CA HIS E 186 18.10 -15.85 -29.94
C HIS E 186 16.72 -16.28 -30.42
N TYR E 187 16.14 -15.46 -31.29
CA TYR E 187 14.82 -15.76 -31.82
C TYR E 187 14.88 -15.74 -33.34
N SER E 188 14.11 -16.65 -33.96
CA SER E 188 14.16 -16.84 -35.41
C SER E 188 14.08 -15.50 -36.14
N CYS E 189 13.32 -14.55 -35.58
CA CYS E 189 13.01 -13.30 -36.25
C CYS E 189 14.16 -12.30 -36.24
N CYS E 190 15.02 -12.34 -35.23
CA CYS E 190 15.65 -11.12 -34.76
C CYS E 190 17.09 -11.34 -34.36
N PRO E 191 17.95 -10.31 -34.51
CA PRO E 191 19.40 -10.47 -34.30
C PRO E 191 19.83 -10.62 -32.86
N GLU E 192 19.37 -9.69 -32.02
CA GLU E 192 19.94 -9.51 -30.69
C GLU E 192 19.69 -10.71 -29.78
N PRO E 193 20.55 -10.90 -28.79
CA PRO E 193 20.32 -11.93 -27.77
C PRO E 193 19.45 -11.46 -26.60
N TYR E 194 18.98 -12.45 -25.86
CA TYR E 194 18.19 -12.21 -24.67
C TYR E 194 18.78 -13.07 -23.56
N ILE E 195 19.27 -12.43 -22.52
CA ILE E 195 20.01 -13.11 -21.48
C ILE E 195 19.13 -13.22 -20.25
N ASP E 196 19.41 -14.24 -19.45
CA ASP E 196 18.67 -14.50 -18.22
C ASP E 196 19.47 -15.45 -17.37
N VAL E 197 19.53 -15.17 -16.09
CA VAL E 197 20.11 -16.07 -15.11
C VAL E 197 19.02 -17.02 -14.65
N ASN E 198 19.26 -18.32 -14.82
CA ASN E 198 18.30 -19.33 -14.39
C ASN E 198 18.79 -19.91 -13.08
N LEU E 199 18.05 -19.60 -12.01
CA LEU E 199 18.30 -20.16 -10.69
C LEU E 199 17.47 -21.43 -10.56
N VAL E 200 18.12 -22.54 -10.28
CA VAL E 200 17.45 -23.83 -10.15
C VAL E 200 17.79 -24.42 -8.79
N VAL E 201 16.76 -24.78 -8.03
CA VAL E 201 16.91 -25.27 -6.65
C VAL E 201 16.38 -26.70 -6.55
N LYS E 202 17.24 -27.61 -6.05
CA LYS E 202 16.89 -28.99 -5.71
C LYS E 202 16.66 -29.07 -4.21
N PHE E 203 15.49 -29.54 -3.77
CA PHE E 203 15.27 -29.58 -2.34
C PHE E 203 14.24 -30.64 -2.02
N ARG E 204 14.15 -30.98 -0.73
CA ARG E 204 13.29 -32.05 -0.24
C ARG E 204 12.82 -31.69 1.16
N GLU E 205 11.69 -32.26 1.57
CA GLU E 205 11.30 -32.19 2.97
C GLU E 205 12.45 -32.73 3.82
N ARG E 206 12.73 -32.07 4.94
CA ARG E 206 13.83 -32.50 5.80
C ARG E 206 13.43 -33.73 6.60
N ARG E 207 14.33 -34.72 6.63
CA ARG E 207 14.05 -36.02 7.27
C ARG E 207 15.24 -36.51 8.09
N GLY F 1 8.67 -18.45 -28.19
CA GLY F 1 8.51 -17.41 -29.19
C GLY F 1 8.93 -16.06 -28.66
N CYS F 2 9.48 -15.21 -29.54
CA CYS F 2 9.87 -13.86 -29.16
C CYS F 2 8.77 -13.12 -28.39
N CYS F 3 7.55 -13.15 -28.90
CA CYS F 3 6.54 -12.30 -28.27
C CYS F 3 6.08 -12.82 -26.91
N SER F 4 6.61 -13.93 -26.42
CA SER F 4 6.37 -14.29 -25.03
C SER F 4 7.53 -13.84 -24.14
N HIS F 5 8.47 -13.09 -24.71
CA HIS F 5 9.55 -12.50 -23.94
C HIS F 5 9.30 -11.00 -23.85
N PRO F 6 9.19 -10.46 -22.63
CA PRO F 6 8.72 -9.07 -22.49
C PRO F 6 9.64 -8.07 -23.13
N ALA F 7 10.94 -8.35 -23.19
CA ALA F 7 11.88 -7.38 -23.75
C ALA F 7 11.92 -7.46 -25.27
N CYS F 8 11.75 -8.64 -25.85
CA CYS F 8 11.65 -8.71 -27.31
C CYS F 8 10.36 -8.07 -27.79
N ASN F 9 9.26 -8.37 -27.08
CA ASN F 9 7.93 -7.86 -27.46
C ASN F 9 7.93 -6.33 -27.62
N VAL F 10 8.49 -5.60 -26.64
CA VAL F 10 8.42 -4.14 -26.70
C VAL F 10 9.27 -3.62 -27.84
N ALA F 11 10.33 -4.32 -28.20
CA ALA F 11 11.25 -3.84 -29.21
C ALA F 11 10.84 -4.20 -30.64
N HIS F 12 9.73 -4.91 -30.85
CA HIS F 12 9.39 -5.42 -32.18
C HIS F 12 7.89 -5.32 -32.41
N PRO F 13 7.38 -4.10 -32.59
CA PRO F 13 5.95 -3.93 -32.86
C PRO F 13 5.51 -4.50 -34.20
N GLU F 14 6.45 -4.72 -35.14
CA GLU F 14 6.11 -5.32 -36.42
C GLU F 14 5.77 -6.80 -36.30
N ILE F 15 6.31 -7.48 -35.28
CA ILE F 15 6.12 -8.91 -35.08
C ILE F 15 5.03 -9.20 -34.06
N CYS F 16 4.92 -8.38 -33.02
CA CYS F 16 4.09 -8.75 -31.89
C CYS F 16 2.80 -7.92 -31.78
N NH2 F 17 1.86 -8.40 -30.98
N SER G 1 -18.88 34.14 -1.64
CA SER G 1 -19.54 33.00 -0.96
C SER G 1 -18.60 31.76 -0.88
N GLN G 2 -18.66 30.86 -1.89
CA GLN G 2 -17.56 29.92 -2.11
C GLN G 2 -16.25 30.68 -2.28
N ALA G 3 -16.34 31.90 -2.81
CA ALA G 3 -15.24 32.84 -2.75
C ALA G 3 -14.65 32.92 -1.36
N ASN G 4 -15.50 33.17 -0.36
CA ASN G 4 -14.99 33.41 0.99
C ASN G 4 -14.45 32.14 1.61
N LEU G 5 -15.14 31.01 1.39
CA LEU G 5 -14.61 29.73 1.85
C LEU G 5 -13.27 29.43 1.22
N MET G 6 -13.11 29.72 -0.07
CA MET G 6 -11.83 29.46 -0.71
C MET G 6 -10.75 30.37 -0.18
N ARG G 7 -11.09 31.63 0.06
CA ARG G 7 -10.05 32.56 0.50
C ARG G 7 -9.68 32.31 1.95
N LEU G 8 -10.62 31.81 2.76
CA LEU G 8 -10.30 31.52 4.14
C LEU G 8 -9.46 30.26 4.24
N LYS G 9 -9.82 29.21 3.49
CA LYS G 9 -8.94 28.05 3.41
C LYS G 9 -7.57 28.47 2.91
N SER G 10 -7.52 29.53 2.13
CA SER G 10 -6.27 30.17 1.76
C SER G 10 -5.97 31.37 2.66
N ASP G 11 -6.45 31.36 3.90
CA ASP G 11 -6.00 32.35 4.87
C ASP G 11 -5.56 31.68 6.18
N LEU G 12 -5.37 30.35 6.20
CA LEU G 12 -4.89 29.62 7.38
C LEU G 12 -3.76 28.62 7.19
N PHE G 13 -3.61 28.07 5.98
CA PHE G 13 -2.78 26.91 5.63
C PHE G 13 -1.47 27.21 4.90
N ASN G 14 -1.42 28.15 3.95
CA ASN G 14 -0.15 28.48 3.25
C ASN G 14 0.63 29.51 4.05
N ARG G 15 -0.02 30.66 4.32
CA ARG G 15 0.52 31.80 5.04
C ARG G 15 0.89 31.49 6.47
N SER G 16 0.80 30.24 6.83
CA SER G 16 1.15 29.88 8.18
C SER G 16 1.92 28.56 8.13
N PRO G 17 3.12 28.54 8.68
CA PRO G 17 3.82 27.27 8.83
C PRO G 17 2.97 26.31 9.65
N MET G 18 2.95 25.02 9.24
CA MET G 18 2.08 24.09 9.94
C MET G 18 2.53 23.93 11.39
N TYR G 19 1.55 23.67 12.24
CA TYR G 19 1.74 23.70 13.68
C TYR G 19 2.68 22.57 14.13
N PRO G 20 3.63 22.85 15.04
CA PRO G 20 4.71 21.90 15.29
C PRO G 20 4.42 20.88 16.38
N GLY G 21 3.16 20.76 16.77
CA GLY G 21 2.80 19.89 17.87
C GLY G 21 2.79 20.63 19.19
N PRO G 22 2.05 20.12 20.16
CA PRO G 22 1.99 20.79 21.47
C PRO G 22 3.26 20.55 22.27
N THR G 23 3.48 21.45 23.23
CA THR G 23 4.65 21.43 24.09
C THR G 23 4.22 21.63 25.53
N LYS G 24 5.20 21.50 26.44
CA LYS G 24 4.90 21.69 27.86
C LYS G 24 4.43 23.11 28.13
N ASP G 25 4.92 24.09 27.38
CA ASP G 25 4.55 25.49 27.57
C ASP G 25 3.19 25.81 26.96
N ASP G 26 2.87 25.23 25.80
CA ASP G 26 1.54 25.35 25.18
C ASP G 26 0.97 23.94 25.06
N PRO G 27 0.42 23.41 26.14
CA PRO G 27 -0.20 22.09 26.09
C PRO G 27 -1.55 22.15 25.39
N LEU G 28 -2.16 20.97 25.24
CA LEU G 28 -3.31 20.76 24.39
C LEU G 28 -4.17 19.64 24.98
N THR G 29 -5.48 19.84 25.02
CA THR G 29 -6.38 18.82 25.53
C THR G 29 -7.09 18.18 24.35
N VAL G 30 -7.27 16.87 24.44
CA VAL G 30 -7.77 16.05 23.35
C VAL G 30 -8.86 15.19 23.97
N THR G 31 -10.10 15.50 23.65
CA THR G 31 -11.20 14.74 24.19
C THR G 31 -11.50 13.63 23.20
N LEU G 32 -11.67 12.43 23.70
CA LEU G 32 -11.65 11.23 22.89
C LEU G 32 -12.82 10.35 23.28
N GLY G 33 -13.51 9.76 22.31
CA GLY G 33 -14.65 8.92 22.60
C GLY G 33 -14.88 7.87 21.53
N PHE G 34 -15.46 6.74 21.94
CA PHE G 34 -15.61 5.59 21.07
C PHE G 34 -17.07 5.25 20.80
N THR G 35 -17.30 4.68 19.61
CA THR G 35 -18.61 4.38 19.06
C THR G 35 -18.45 3.03 18.36
N LEU G 36 -18.83 1.96 19.05
CA LEU G 36 -18.46 0.62 18.66
C LEU G 36 -19.58 -0.04 17.88
N GLN G 37 -19.21 -0.81 16.83
CA GLN G 37 -20.19 -1.30 15.87
C GLN G 37 -20.15 -2.79 15.57
N ASP G 38 -19.02 -3.45 15.81
CA ASP G 38 -19.03 -4.89 15.62
C ASP G 38 -17.80 -5.49 16.29
N ILE G 39 -17.89 -6.78 16.54
CA ILE G 39 -16.72 -7.58 16.90
C ILE G 39 -16.56 -8.61 15.79
N VAL G 40 -15.91 -8.21 14.70
CA VAL G 40 -16.03 -8.99 13.47
C VAL G 40 -15.43 -10.37 13.64
N LYS G 41 -14.18 -10.45 14.12
CA LYS G 41 -13.51 -11.73 14.24
C LYS G 41 -13.06 -11.97 15.69
N VAL G 42 -12.81 -13.24 15.99
CA VAL G 42 -12.17 -13.67 17.23
C VAL G 42 -11.23 -14.81 16.85
N ASP G 43 -10.13 -14.95 17.60
CA ASP G 43 -9.12 -15.94 17.18
C ASP G 43 -8.47 -16.54 18.45
N SER G 44 -9.10 -17.60 18.99
CA SER G 44 -8.50 -18.21 20.16
C SER G 44 -7.22 -18.97 19.86
N SER G 45 -6.87 -19.17 18.58
CA SER G 45 -5.60 -19.79 18.27
C SER G 45 -4.44 -18.83 18.43
N THR G 46 -4.71 -17.52 18.40
CA THR G 46 -3.70 -16.48 18.58
C THR G 46 -4.12 -15.36 19.51
N ASN G 47 -5.40 -15.28 19.87
CA ASN G 47 -5.92 -14.27 20.78
C ASN G 47 -5.82 -12.86 20.22
N GLU G 48 -5.95 -12.72 18.90
CA GLU G 48 -6.39 -11.47 18.33
C GLU G 48 -7.92 -11.40 18.36
N VAL G 49 -8.45 -10.21 18.57
CA VAL G 49 -9.87 -9.93 18.32
C VAL G 49 -9.96 -8.64 17.51
N ASP G 50 -10.82 -8.63 16.49
CA ASP G 50 -10.98 -7.47 15.62
C ASP G 50 -12.24 -6.67 15.97
N LEU G 51 -12.08 -5.36 16.17
CA LEU G 51 -13.18 -4.44 16.36
C LEU G 51 -13.33 -3.53 15.15
N VAL G 52 -14.56 -3.10 14.90
CA VAL G 52 -14.86 -1.99 13.99
C VAL G 52 -15.55 -0.91 14.80
N TYR G 53 -15.03 0.32 14.73
CA TYR G 53 -15.52 1.37 15.61
C TYR G 53 -15.33 2.73 14.95
N TYR G 54 -15.89 3.75 15.61
CA TYR G 54 -15.64 5.15 15.29
C TYR G 54 -14.85 5.74 16.45
N GLU G 55 -13.75 6.39 16.12
CA GLU G 55 -12.88 6.97 17.13
C GLU G 55 -13.01 8.47 16.99
N GLN G 56 -13.70 9.10 17.94
CA GLN G 56 -13.95 10.53 17.86
C GLN G 56 -12.86 11.26 18.65
N GLN G 57 -12.17 12.17 17.98
CA GLN G 57 -11.15 12.99 18.60
C GLN G 57 -11.54 14.45 18.44
N ARG G 58 -11.18 15.27 19.43
CA ARG G 58 -11.40 16.69 19.29
C ARG G 58 -10.36 17.42 20.10
N TRP G 59 -9.87 18.53 19.53
CA TRP G 59 -8.86 19.39 20.14
C TRP G 59 -9.04 20.80 19.61
N LYS G 60 -8.14 21.69 20.01
CA LYS G 60 -8.32 23.12 19.88
C LYS G 60 -6.97 23.80 19.63
N LEU G 61 -6.82 24.42 18.46
CA LEU G 61 -5.60 25.13 18.10
C LEU G 61 -5.90 26.59 17.83
N ASN G 62 -5.10 27.49 18.39
CA ASN G 62 -5.34 28.89 18.13
C ASN G 62 -4.84 29.32 16.77
N SER G 63 -3.89 28.58 16.19
CA SER G 63 -3.47 28.87 14.82
C SER G 63 -4.56 28.62 13.81
N LEU G 64 -5.75 28.21 14.26
CA LEU G 64 -6.85 27.91 13.37
C LEU G 64 -8.06 28.82 13.58
N MET G 65 -7.93 29.89 14.36
CA MET G 65 -9.07 30.76 14.60
C MET G 65 -9.22 31.78 13.48
N TRP G 66 -10.40 32.35 13.37
CA TRP G 66 -10.62 33.47 12.45
C TRP G 66 -11.84 34.27 12.90
N ASP G 67 -12.05 35.38 12.22
CA ASP G 67 -13.15 36.27 12.55
C ASP G 67 -14.27 35.99 11.57
N PRO G 68 -15.39 35.43 12.01
CA PRO G 68 -16.41 34.96 11.05
C PRO G 68 -16.90 36.03 10.06
N ASN G 69 -17.05 37.29 10.44
CA ASN G 69 -17.53 38.26 9.44
C ASN G 69 -16.40 38.73 8.53
N GLU G 70 -15.14 38.59 8.95
CA GLU G 70 -14.04 38.85 8.04
C GLU G 70 -13.99 37.84 6.89
N TYR G 71 -14.87 36.84 6.91
CA TYR G 71 -14.97 35.84 5.85
C TYR G 71 -16.42 35.42 5.62
N GLY G 72 -17.30 36.39 5.39
CA GLY G 72 -18.64 36.04 4.94
C GLY G 72 -19.47 35.29 5.95
N ASN G 73 -19.24 35.52 7.25
CA ASN G 73 -20.05 34.90 8.30
C ASN G 73 -19.93 33.36 8.26
N ILE G 74 -18.71 32.87 8.05
CA ILE G 74 -18.45 31.43 7.95
C ILE G 74 -18.13 30.91 9.33
N THR G 75 -19.05 30.14 9.91
CA THR G 75 -18.88 29.63 11.27
C THR G 75 -17.95 28.41 11.31
N ASP G 76 -17.94 27.59 10.25
CA ASP G 76 -17.22 26.33 10.28
C ASP G 76 -17.07 25.78 8.85
N PHE G 77 -16.10 24.89 8.68
CA PHE G 77 -15.90 24.29 7.37
C PHE G 77 -15.29 22.91 7.54
N ARG G 78 -15.38 22.12 6.47
CA ARG G 78 -14.87 20.77 6.41
C ARG G 78 -13.59 20.77 5.61
N THR G 79 -12.64 19.93 6.02
CA THR G 79 -11.38 19.87 5.29
C THR G 79 -10.77 18.49 5.45
N SER G 80 -9.97 18.11 4.44
CA SER G 80 -9.25 16.85 4.52
C SER G 80 -8.30 16.85 5.71
N ALA G 81 -8.20 15.71 6.40
CA ALA G 81 -7.41 15.68 7.61
C ALA G 81 -5.92 15.85 7.33
N ALA G 82 -5.46 15.61 6.09
CA ALA G 82 -4.06 15.84 5.78
C ALA G 82 -3.64 17.32 5.87
N ASP G 83 -4.58 18.24 5.77
CA ASP G 83 -4.29 19.67 5.75
C ASP G 83 -3.92 20.22 7.13
N ILE G 84 -4.17 19.46 8.19
CA ILE G 84 -4.03 19.96 9.54
C ILE G 84 -3.23 18.97 10.36
N TRP G 85 -2.66 19.48 11.45
CA TRP G 85 -2.06 18.62 12.45
C TRP G 85 -3.15 17.77 13.11
N THR G 86 -2.83 16.54 13.43
CA THR G 86 -3.69 15.67 14.20
C THR G 86 -2.89 14.96 15.29
N PRO G 87 -3.50 14.70 16.43
CA PRO G 87 -2.78 14.07 17.54
C PRO G 87 -2.45 12.61 17.24
N ASP G 88 -1.40 12.13 17.90
CA ASP G 88 -0.91 10.77 17.68
C ASP G 88 -1.57 9.75 18.59
N ILE G 89 -2.89 9.88 18.80
CA ILE G 89 -3.60 9.01 19.72
C ILE G 89 -3.67 7.61 19.12
N THR G 90 -3.07 6.62 19.80
CA THR G 90 -2.98 5.27 19.25
C THR G 90 -3.15 4.17 20.30
N ALA G 91 -3.34 2.96 19.80
CA ALA G 91 -3.65 1.80 20.61
C ALA G 91 -2.37 1.12 21.08
N TYR G 92 -2.23 0.97 22.40
CA TYR G 92 -1.01 0.45 22.96
C TYR G 92 -0.84 -1.04 22.75
N SER G 93 -1.90 -1.76 22.41
CA SER G 93 -1.79 -3.21 22.35
C SER G 93 -2.36 -3.77 21.04
N SER G 94 -2.23 -3.02 19.93
CA SER G 94 -2.59 -3.55 18.62
C SER G 94 -1.67 -4.68 18.21
N THR G 95 -2.13 -5.47 17.24
CA THR G 95 -1.36 -6.57 16.71
C THR G 95 -1.25 -6.53 15.19
N ARG G 96 -1.97 -5.63 14.55
CA ARG G 96 -1.87 -5.36 13.12
C ARG G 96 -2.03 -3.85 12.97
N PRO G 97 -1.52 -3.28 11.89
CA PRO G 97 -1.83 -1.88 11.60
C PRO G 97 -3.34 -1.67 11.45
N VAL G 98 -3.82 -0.56 12.00
CA VAL G 98 -5.22 -0.21 11.86
C VAL G 98 -5.56 0.01 10.40
N GLN G 99 -6.74 -0.47 10.00
CA GLN G 99 -7.29 -0.13 8.70
C GLN G 99 -8.32 0.99 8.87
N VAL G 100 -8.27 1.95 7.97
CA VAL G 100 -9.22 3.06 7.97
C VAL G 100 -10.38 2.69 7.06
N LEU G 101 -11.60 2.78 7.58
CA LEU G 101 -12.77 2.31 6.86
C LEU G 101 -13.61 3.44 6.28
N SER G 102 -13.19 4.69 6.46
CA SER G 102 -14.00 5.83 6.03
C SER G 102 -13.12 6.91 5.42
N PRO G 103 -13.69 8.00 4.90
CA PRO G 103 -12.87 9.16 4.60
C PRO G 103 -12.22 9.67 5.87
N GLN G 104 -11.24 10.55 5.71
CA GLN G 104 -10.64 11.22 6.86
C GLN G 104 -10.78 12.72 6.66
N ILE G 105 -11.95 13.22 7.03
CA ILE G 105 -12.28 14.62 6.90
C ILE G 105 -12.58 15.16 8.29
N ALA G 106 -12.27 16.45 8.51
CA ALA G 106 -12.44 17.09 9.81
C ALA G 106 -13.23 18.39 9.64
N VAL G 107 -13.86 18.82 10.72
CA VAL G 107 -14.55 20.09 10.75
C VAL G 107 -13.73 21.04 11.62
N VAL G 108 -13.37 22.19 11.06
CA VAL G 108 -12.68 23.27 11.77
C VAL G 108 -13.66 24.43 11.89
N THR G 109 -13.81 24.99 13.11
CA THR G 109 -14.80 26.02 13.35
C THR G 109 -14.12 27.31 13.84
N HIS G 110 -14.84 28.45 13.71
CA HIS G 110 -14.20 29.79 13.74
C HIS G 110 -13.40 30.06 15.00
N ASP G 111 -13.84 29.55 16.15
CA ASP G 111 -12.96 29.59 17.31
C ASP G 111 -11.72 28.74 17.10
N GLY G 112 -11.76 27.75 16.22
CA GLY G 112 -10.53 27.07 15.97
C GLY G 112 -10.52 25.62 16.44
N SER G 113 -11.65 24.91 16.48
CA SER G 113 -11.61 23.54 16.95
C SER G 113 -11.84 22.57 15.81
N VAL G 114 -11.04 21.54 15.79
CA VAL G 114 -11.23 20.48 14.81
C VAL G 114 -12.05 19.39 15.47
N MET G 115 -12.87 18.72 14.69
CA MET G 115 -13.48 17.48 15.14
C MET G 115 -13.40 16.53 13.96
N PHE G 116 -13.19 15.26 14.29
CA PHE G 116 -12.66 14.34 13.30
C PHE G 116 -13.01 12.95 13.82
N ILE G 117 -13.91 12.26 13.14
CA ILE G 117 -14.31 10.94 13.61
C ILE G 117 -14.20 9.93 12.47
N PRO G 118 -13.06 9.29 12.33
CA PRO G 118 -12.89 8.27 11.29
C PRO G 118 -13.22 6.88 11.78
N ALA G 119 -13.61 6.05 10.84
CA ALA G 119 -13.98 4.67 11.13
C ALA G 119 -12.78 3.76 10.93
N GLN G 120 -12.51 2.91 11.91
CA GLN G 120 -11.32 2.06 11.88
C GLN G 120 -11.65 0.60 12.18
N ARG G 121 -10.71 -0.29 11.82
CA ARG G 121 -10.73 -1.70 12.20
C ARG G 121 -9.40 -2.08 12.85
N LEU G 122 -9.46 -2.62 14.05
CA LEU G 122 -8.31 -2.80 14.90
C LEU G 122 -8.17 -4.28 15.29
N SER G 123 -6.97 -4.83 15.16
CA SER G 123 -6.67 -6.15 15.71
C SER G 123 -5.83 -5.95 16.97
N PHE G 124 -6.31 -6.43 18.11
CA PHE G 124 -5.57 -6.23 19.35
C PHE G 124 -5.54 -7.51 20.15
N MET G 125 -4.88 -7.43 21.30
CA MET G 125 -4.59 -8.60 22.13
C MET G 125 -5.78 -8.89 23.05
N CYS G 126 -6.32 -10.11 22.94
CA CYS G 126 -7.34 -10.55 23.88
C CYS G 126 -7.47 -12.06 23.89
N ASP G 127 -7.45 -12.64 25.11
CA ASP G 127 -7.81 -14.02 25.37
C ASP G 127 -9.33 -14.19 25.33
N PRO G 128 -9.86 -14.82 24.28
CA PRO G 128 -11.31 -14.97 24.17
C PRO G 128 -11.88 -16.18 24.87
N THR G 129 -11.05 -17.05 25.46
CA THR G 129 -11.59 -18.26 26.08
C THR G 129 -12.69 -17.88 27.08
N GLY G 130 -13.90 -18.39 26.80
CA GLY G 130 -15.11 -18.00 27.51
C GLY G 130 -16.14 -17.25 26.70
N VAL G 131 -15.99 -17.16 25.36
CA VAL G 131 -16.92 -16.37 24.58
C VAL G 131 -18.31 -16.99 24.64
N ASP G 132 -18.36 -18.34 24.66
CA ASP G 132 -19.59 -19.13 24.58
C ASP G 132 -20.25 -19.37 25.94
N SER G 133 -19.49 -19.29 27.04
CA SER G 133 -20.05 -19.32 28.39
C SER G 133 -21.15 -18.24 28.56
N GLU G 134 -21.93 -18.32 29.64
CA GLU G 134 -22.72 -17.16 30.04
C GLU G 134 -22.03 -16.33 31.11
N GLU G 135 -20.82 -15.90 30.80
CA GLU G 135 -20.21 -14.71 31.34
C GLU G 135 -19.53 -13.90 30.25
N GLY G 136 -19.17 -14.57 29.16
CA GLY G 136 -18.43 -13.96 28.09
C GLY G 136 -16.97 -13.88 28.45
N VAL G 137 -16.30 -12.88 27.88
CA VAL G 137 -14.93 -12.57 28.22
C VAL G 137 -14.88 -11.08 28.52
N THR G 138 -13.72 -10.63 28.96
CA THR G 138 -13.46 -9.21 29.09
C THR G 138 -12.12 -8.92 28.44
N CYS G 139 -12.14 -8.07 27.42
CA CYS G 139 -10.95 -7.57 26.74
C CYS G 139 -10.75 -6.12 27.09
N ALA G 140 -9.51 -5.68 26.99
CA ALA G 140 -9.21 -4.27 27.15
C ALA G 140 -8.13 -3.88 26.16
N VAL G 141 -8.19 -2.64 25.73
CA VAL G 141 -7.11 -2.06 24.94
C VAL G 141 -6.96 -0.61 25.35
N LYS G 142 -5.72 -0.19 25.54
CA LYS G 142 -5.43 1.15 26.02
C LYS G 142 -5.16 2.06 24.84
N PHE G 143 -5.48 3.34 25.02
CA PHE G 143 -5.32 4.32 23.96
C PHE G 143 -4.68 5.56 24.57
N GLY G 144 -3.51 5.94 24.05
CA GLY G 144 -2.93 7.19 24.50
C GLY G 144 -2.11 7.81 23.39
N SER G 145 -1.55 8.97 23.70
CA SER G 145 -0.55 9.53 22.81
C SER G 145 0.69 8.65 22.85
N TRP G 146 1.47 8.72 21.79
CA TRP G 146 2.66 7.88 21.70
C TRP G 146 3.96 8.62 22.03
N VAL G 147 3.98 9.95 21.97
CA VAL G 147 5.21 10.67 22.25
C VAL G 147 4.96 11.79 23.25
N TYR G 148 3.70 12.05 23.57
CA TYR G 148 3.34 13.17 24.43
C TYR G 148 2.81 12.67 25.76
N SER G 149 3.39 13.19 26.84
CA SER G 149 2.92 12.96 28.20
C SER G 149 1.68 13.80 28.49
N GLY G 150 1.13 13.62 29.69
CA GLY G 150 0.01 14.39 30.17
C GLY G 150 0.29 15.87 30.31
N PHE G 151 1.55 16.25 30.27
CA PHE G 151 1.89 17.65 30.33
C PHE G 151 1.80 18.36 28.98
N GLU G 152 1.90 17.63 27.87
CA GLU G 152 1.70 18.23 26.55
C GLU G 152 0.32 17.95 25.99
N ILE G 153 -0.18 16.73 26.12
CA ILE G 153 -1.51 16.37 25.67
C ILE G 153 -2.26 15.79 26.86
N ASP G 154 -3.30 16.48 27.30
CA ASP G 154 -4.26 15.96 28.26
C ASP G 154 -5.35 15.16 27.56
N LEU G 155 -5.67 13.99 28.08
CA LEU G 155 -6.77 13.20 27.54
C LEU G 155 -8.04 13.33 28.39
N LYS G 156 -9.18 13.23 27.71
CA LYS G 156 -10.47 13.53 28.32
C LYS G 156 -11.50 12.62 27.67
N THR G 157 -12.52 12.25 28.44
CA THR G 157 -13.73 11.64 27.91
C THR G 157 -14.90 12.52 28.31
N ASP G 158 -15.90 12.58 27.44
CA ASP G 158 -17.16 13.24 27.76
C ASP G 158 -18.17 12.27 28.36
N THR G 159 -17.79 11.03 28.61
CA THR G 159 -18.65 9.99 29.16
C THR G 159 -17.77 8.76 29.31
N ASP G 160 -18.15 7.90 30.25
CA ASP G 160 -17.49 6.60 30.34
C ASP G 160 -18.18 5.52 29.52
N GLN G 161 -19.36 5.80 28.99
CA GLN G 161 -20.12 4.81 28.24
C GLN G 161 -19.73 4.88 26.78
N VAL G 162 -19.37 3.73 26.21
CA VAL G 162 -19.13 3.66 24.77
C VAL G 162 -20.48 3.66 24.06
N ASP G 163 -20.64 4.59 23.10
CA ASP G 163 -21.89 4.68 22.35
C ASP G 163 -22.15 3.36 21.64
N LEU G 164 -23.14 2.61 22.10
CA LEU G 164 -23.52 1.38 21.42
C LEU G 164 -24.78 1.54 20.58
N SER G 165 -25.36 2.77 20.49
CA SER G 165 -26.66 2.96 19.82
C SER G 165 -26.62 2.65 18.37
N SER G 166 -25.53 2.00 17.93
CA SER G 166 -25.37 1.61 16.54
C SER G 166 -24.60 0.30 16.41
N TYR G 167 -24.65 -0.54 17.43
CA TYR G 167 -23.99 -1.83 17.34
C TYR G 167 -24.78 -2.78 16.46
N TYR G 168 -24.09 -3.49 15.57
CA TYR G 168 -24.77 -4.34 14.59
C TYR G 168 -25.60 -5.41 15.29
N ALA G 169 -26.92 -5.33 15.07
CA ALA G 169 -27.86 -6.30 15.61
C ALA G 169 -27.38 -7.73 15.37
N SER G 170 -27.34 -8.14 14.11
CA SER G 170 -27.08 -9.53 13.78
C SER G 170 -25.61 -9.88 13.89
N SER G 171 -24.87 -9.16 14.73
CA SER G 171 -23.48 -9.51 15.01
C SER G 171 -23.41 -10.89 15.63
N LYS G 172 -22.24 -11.51 15.59
CA LYS G 172 -22.10 -12.79 16.26
C LYS G 172 -21.64 -12.66 17.71
N TYR G 173 -21.70 -11.47 18.31
CA TYR G 173 -21.29 -11.27 19.69
C TYR G 173 -22.17 -10.20 20.33
N GLU G 174 -22.81 -10.50 21.46
CA GLU G 174 -23.62 -9.54 22.20
C GLU G 174 -22.71 -8.79 23.15
N ILE G 175 -22.87 -7.49 23.25
CA ILE G 175 -22.08 -6.70 24.17
C ILE G 175 -22.78 -6.60 25.51
N LEU G 176 -22.06 -6.97 26.57
CA LEU G 176 -22.59 -6.85 27.90
C LEU G 176 -22.17 -5.54 28.57
N SER G 177 -20.91 -5.16 28.49
CA SER G 177 -20.50 -3.82 28.87
C SER G 177 -19.59 -3.24 27.80
N ALA G 178 -19.47 -1.91 27.81
CA ALA G 178 -18.60 -1.17 26.90
C ALA G 178 -18.19 0.11 27.61
N THR G 179 -16.98 0.11 28.13
CA THR G 179 -16.45 1.13 29.01
C THR G 179 -15.34 1.90 28.31
N GLN G 180 -15.21 3.19 28.63
CA GLN G 180 -14.09 3.98 28.13
C GLN G 180 -13.63 4.91 29.26
N THR G 181 -12.50 4.58 29.88
CA THR G 181 -12.15 5.13 31.18
C THR G 181 -10.81 5.85 31.13
N ARG G 182 -10.83 7.16 31.28
CA ARG G 182 -9.60 7.93 31.48
C ARG G 182 -8.86 7.44 32.72
N GLN G 183 -7.55 7.20 32.58
CA GLN G 183 -6.70 6.63 33.63
C GLN G 183 -5.39 7.39 33.68
N VAL G 184 -4.99 7.88 34.85
CA VAL G 184 -3.78 8.68 35.00
C VAL G 184 -2.75 7.87 35.76
N GLN G 185 -1.60 7.67 35.17
CA GLN G 185 -0.52 6.95 35.82
C GLN G 185 0.66 7.88 36.09
N HIS G 186 1.32 7.68 37.23
CA HIS G 186 2.65 8.24 37.45
C HIS G 186 3.67 7.11 37.50
N TYR G 187 4.94 7.50 37.38
CA TYR G 187 6.02 6.53 37.51
C TYR G 187 6.99 7.05 38.57
N SER G 188 7.68 6.10 39.21
CA SER G 188 8.63 6.46 40.26
C SER G 188 9.58 7.54 39.78
N CYS G 189 10.07 7.41 38.55
CA CYS G 189 11.11 8.28 38.01
C CYS G 189 10.66 9.72 37.79
N CYS G 190 9.38 9.93 37.48
CA CYS G 190 9.08 11.08 36.66
C CYS G 190 7.91 11.89 37.18
N PRO G 191 7.99 13.21 37.10
CA PRO G 191 6.92 14.05 37.67
C PRO G 191 5.67 14.07 36.84
N GLU G 192 5.81 13.97 35.50
CA GLU G 192 4.72 14.21 34.57
C GLU G 192 3.79 13.00 34.48
N PRO G 193 2.49 13.24 34.33
CA PRO G 193 1.54 12.12 34.27
C PRO G 193 1.43 11.58 32.86
N TYR G 194 1.03 10.31 32.78
CA TYR G 194 0.77 9.67 31.50
C TYR G 194 -0.67 9.20 31.47
N ILE G 195 -1.39 9.65 30.44
CA ILE G 195 -2.81 9.45 30.38
C ILE G 195 -3.12 8.42 29.29
N ASP G 196 -4.33 7.87 29.37
CA ASP G 196 -4.85 6.91 28.42
C ASP G 196 -6.33 6.70 28.74
N VAL G 197 -7.08 6.22 27.77
CA VAL G 197 -8.46 5.81 28.01
C VAL G 197 -8.50 4.31 27.81
N ASN G 198 -8.86 3.61 28.88
CA ASN G 198 -8.92 2.17 28.84
C ASN G 198 -10.26 1.82 28.23
N LEU G 199 -10.23 1.09 27.12
CA LEU G 199 -11.43 0.67 26.42
C LEU G 199 -11.57 -0.82 26.69
N VAL G 200 -12.42 -1.15 27.65
CA VAL G 200 -12.64 -2.54 28.02
C VAL G 200 -14.10 -2.89 27.74
N VAL G 201 -14.30 -3.99 27.01
CA VAL G 201 -15.62 -4.48 26.65
C VAL G 201 -15.73 -5.92 27.10
N LYS G 202 -16.83 -6.23 27.82
CA LYS G 202 -17.22 -7.60 28.09
C LYS G 202 -18.20 -8.03 27.02
N PHE G 203 -18.01 -9.24 26.51
CA PHE G 203 -18.91 -9.66 25.43
C PHE G 203 -19.00 -11.17 25.40
N ARG G 204 -19.96 -11.65 24.60
CA ARG G 204 -20.52 -12.99 24.59
C ARG G 204 -20.77 -13.46 23.16
N GLU G 205 -20.76 -14.78 22.97
CA GLU G 205 -21.26 -15.36 21.72
C GLU G 205 -22.79 -15.45 21.63
N ARG G 206 -23.31 -15.27 20.42
CA ARG G 206 -24.75 -15.13 20.22
C ARG G 206 -25.59 -16.35 20.63
N ARG G 207 -26.47 -16.16 21.62
CA ARG G 207 -27.39 -17.20 22.07
C ARG G 207 -28.76 -16.60 22.38
N GLY H 1 9.40 -0.48 33.33
CA GLY H 1 8.40 0.32 34.05
C GLY H 1 7.89 1.55 33.31
N CYS H 2 8.53 2.71 33.56
CA CYS H 2 8.38 3.83 32.65
C CYS H 2 9.02 3.53 31.29
N CYS H 3 9.98 2.61 31.23
CA CYS H 3 10.61 2.29 29.95
C CYS H 3 9.79 1.32 29.11
N SER H 4 8.53 1.03 29.49
CA SER H 4 7.61 0.28 28.64
C SER H 4 6.40 1.10 28.24
N HIS H 5 6.27 2.29 28.74
CA HIS H 5 5.31 3.21 28.15
C HIS H 5 6.02 4.01 27.06
N PRO H 6 5.47 4.05 25.85
CA PRO H 6 6.28 4.60 24.74
C PRO H 6 6.56 6.08 24.88
N ALA H 7 5.62 6.85 25.43
CA ALA H 7 5.81 8.28 25.55
C ALA H 7 6.72 8.66 26.71
N CYS H 8 6.88 7.76 27.70
CA CYS H 8 7.86 7.94 28.76
C CYS H 8 9.26 7.47 28.35
N ASN H 9 9.36 6.40 27.55
CA ASN H 9 10.66 5.93 27.08
C ASN H 9 11.38 7.00 26.26
N VAL H 10 10.69 7.62 25.30
CA VAL H 10 11.37 8.61 24.46
C VAL H 10 11.70 9.90 25.21
N ALA H 11 11.00 10.18 26.31
CA ALA H 11 11.25 11.42 27.05
C ALA H 11 12.31 11.28 28.14
N HIS H 12 12.91 10.10 28.29
CA HIS H 12 13.88 9.83 29.36
C HIS H 12 14.99 8.92 28.85
N PRO H 13 15.91 9.48 28.05
CA PRO H 13 17.07 8.68 27.60
C PRO H 13 17.98 8.25 28.72
N GLU H 14 18.04 9.04 29.81
CA GLU H 14 18.90 8.74 30.94
C GLU H 14 18.47 7.48 31.68
N ILE H 15 17.30 6.94 31.34
CA ILE H 15 16.73 5.78 32.01
C ILE H 15 16.63 4.58 31.08
N CYS H 16 16.23 4.80 29.83
CA CYS H 16 15.69 3.72 29.01
C CYS H 16 16.60 3.32 27.87
N NH2 H 17 16.42 2.10 27.36
N SER I 1 5.34 32.91 20.37
CA SER I 1 6.24 32.03 21.13
C SER I 1 6.30 30.59 20.56
N GLN I 2 5.15 30.02 20.13
CA GLN I 2 5.16 28.71 19.45
C GLN I 2 5.92 28.77 18.15
N ALA I 3 6.12 29.98 17.61
CA ALA I 3 7.00 30.20 16.47
C ALA I 3 8.45 29.92 16.80
N ASN I 4 8.83 29.98 18.08
CA ASN I 4 10.20 29.65 18.43
C ASN I 4 10.52 28.22 18.05
N LEU I 5 9.57 27.31 18.26
CA LEU I 5 9.77 25.93 17.82
C LEU I 5 9.61 25.81 16.31
N MET I 6 8.50 26.33 15.77
CA MET I 6 8.32 26.38 14.32
C MET I 6 9.58 26.89 13.65
N ARG I 7 10.28 27.81 14.32
CA ARG I 7 11.46 28.37 13.72
C ARG I 7 12.66 27.44 13.90
N LEU I 8 12.88 26.95 15.12
CA LEU I 8 14.03 26.07 15.36
C LEU I 8 13.99 24.83 14.47
N LYS I 9 12.84 24.15 14.42
CA LYS I 9 12.65 23.01 13.52
C LYS I 9 13.22 23.30 12.12
N SER I 10 12.76 24.39 11.50
CA SER I 10 13.21 24.70 10.15
C SER I 10 14.73 24.88 10.10
N ASP I 11 15.33 25.42 11.17
CA ASP I 11 16.76 25.61 11.21
C ASP I 11 17.65 24.38 11.12
N LEU I 12 17.16 23.13 11.20
CA LEU I 12 18.03 21.96 10.95
C LEU I 12 17.57 21.09 9.79
N PHE I 13 16.30 21.22 9.44
CA PHE I 13 15.67 20.38 8.42
C PHE I 13 15.70 21.03 7.05
N ASN I 14 15.12 22.23 6.93
CA ASN I 14 15.11 22.91 5.64
C ASN I 14 16.49 23.50 5.31
N ARG I 15 17.23 23.93 6.34
CA ARG I 15 18.43 24.74 6.08
C ARG I 15 19.59 23.86 5.66
N SER I 16 19.90 22.95 6.40
CA SER I 16 21.10 22.26 5.98
C SER I 16 20.75 20.94 5.28
N PRO I 17 21.53 20.56 4.27
CA PRO I 17 21.31 19.27 3.61
C PRO I 17 21.47 18.15 4.62
N MET I 18 20.57 17.16 4.57
CA MET I 18 20.55 16.24 5.71
C MET I 18 21.80 15.36 5.72
N TYR I 19 22.02 14.79 6.88
CA TYR I 19 23.19 14.03 7.28
C TYR I 19 23.33 12.77 6.44
N PRO I 20 24.46 12.56 5.73
CA PRO I 20 24.55 11.45 4.77
C PRO I 20 24.97 10.14 5.40
N GLY I 21 24.67 9.98 6.68
CA GLY I 21 24.95 8.76 7.37
C GLY I 21 26.32 8.80 8.01
N PRO I 22 26.60 7.82 8.85
CA PRO I 22 27.94 7.73 9.46
C PRO I 22 28.98 7.44 8.40
N THR I 23 29.98 8.31 8.35
CA THR I 23 31.26 8.01 7.72
C THR I 23 32.01 7.02 8.62
N LYS I 24 33.26 6.75 8.31
CA LYS I 24 34.11 6.14 9.32
C LYS I 24 35.13 7.13 9.90
N ASP I 25 35.37 8.26 9.24
CA ASP I 25 36.02 9.38 9.90
C ASP I 25 35.13 10.00 10.98
N ASP I 26 33.80 9.84 10.89
CA ASP I 26 32.86 10.30 11.91
C ASP I 26 31.85 9.21 12.18
N PRO I 27 32.25 8.14 12.91
CA PRO I 27 31.30 7.06 13.24
C PRO I 27 30.22 7.45 14.23
N LEU I 28 29.40 6.45 14.57
CA LEU I 28 28.13 6.65 15.25
C LEU I 28 27.81 5.42 16.09
N THR I 29 27.52 5.64 17.36
CA THR I 29 27.07 4.57 18.24
C THR I 29 25.54 4.63 18.30
N VAL I 30 24.89 3.49 18.01
CA VAL I 30 23.44 3.35 18.01
C VAL I 30 23.07 2.34 19.09
N THR I 31 22.19 2.74 20.00
CA THR I 31 21.79 1.83 21.07
C THR I 31 20.40 1.27 20.80
N LEU I 32 20.25 -0.03 21.06
CA LEU I 32 19.07 -0.79 20.72
C LEU I 32 18.46 -1.37 21.98
N GLY I 33 17.13 -1.44 22.00
CA GLY I 33 16.40 -2.05 23.11
C GLY I 33 15.00 -2.52 22.74
N PHE I 34 14.57 -3.67 23.28
CA PHE I 34 13.26 -4.23 22.97
C PHE I 34 12.36 -4.30 24.20
N THR I 35 11.11 -3.93 24.00
CA THR I 35 10.03 -4.19 24.96
C THR I 35 9.14 -5.23 24.29
N LEU I 36 9.34 -6.49 24.63
CA LEU I 36 8.52 -7.55 24.05
C LEU I 36 7.10 -7.49 24.62
N GLN I 37 6.12 -7.55 23.73
CA GLN I 37 4.72 -7.38 24.10
C GLN I 37 3.92 -8.66 23.99
N ASP I 38 4.14 -9.46 22.95
CA ASP I 38 3.30 -10.62 22.74
C ASP I 38 3.93 -11.48 21.66
N ILE I 39 3.96 -12.80 21.89
CA ILE I 39 4.23 -13.76 20.84
C ILE I 39 2.85 -14.11 20.28
N VAL I 40 2.51 -13.53 19.12
CA VAL I 40 1.11 -13.57 18.67
C VAL I 40 0.79 -14.89 17.98
N LYS I 41 1.49 -15.22 16.90
CA LYS I 41 1.24 -16.42 16.13
C LYS I 41 2.48 -17.29 16.11
N VAL I 42 2.26 -18.62 16.02
CA VAL I 42 3.32 -19.61 15.83
C VAL I 42 2.88 -20.55 14.69
N ASP I 43 3.79 -20.84 13.78
CA ASP I 43 3.46 -21.64 12.61
C ASP I 43 4.47 -22.79 12.50
N SER I 44 4.02 -24.00 12.86
CA SER I 44 4.81 -25.20 12.60
C SER I 44 4.75 -25.64 11.14
N SER I 45 3.70 -25.25 10.40
CA SER I 45 3.63 -25.56 8.98
C SER I 45 4.84 -25.04 8.25
N THR I 46 5.34 -23.88 8.67
CA THR I 46 6.28 -23.13 7.88
C THR I 46 7.47 -22.61 8.69
N ASN I 47 7.46 -22.76 10.01
CA ASN I 47 8.56 -22.35 10.89
C ASN I 47 8.73 -20.84 10.90
N GLU I 48 7.62 -20.13 11.13
CA GLU I 48 7.58 -18.69 11.25
C GLU I 48 6.90 -18.33 12.57
N VAL I 49 7.54 -17.46 13.35
CA VAL I 49 6.96 -16.96 14.59
C VAL I 49 6.81 -15.45 14.46
N ASP I 50 5.70 -14.93 14.97
CA ASP I 50 5.37 -13.52 14.90
C ASP I 50 5.49 -12.90 16.30
N LEU I 51 6.36 -11.89 16.43
CA LEU I 51 6.46 -11.10 17.65
C LEU I 51 5.85 -9.72 17.42
N VAL I 52 5.28 -9.16 18.47
CA VAL I 52 4.95 -7.76 18.52
C VAL I 52 5.77 -7.14 19.66
N TYR I 53 6.46 -6.04 19.36
CA TYR I 53 7.42 -5.50 20.30
C TYR I 53 7.63 -4.01 20.02
N TYR I 54 8.32 -3.32 20.94
CA TYR I 54 8.82 -1.96 20.73
C TYR I 54 10.32 -2.01 20.51
N GLU I 55 10.77 -1.46 19.39
CA GLU I 55 12.19 -1.35 19.10
C GLU I 55 12.67 0.06 19.51
N GLN I 56 13.47 0.11 20.55
CA GLN I 56 14.10 1.35 21.02
C GLN I 56 15.38 1.62 20.23
N GLN I 57 15.46 2.81 19.63
CA GLN I 57 16.69 3.24 18.99
C GLN I 57 17.15 4.58 19.53
N ARG I 58 18.47 4.72 19.67
CA ARG I 58 19.06 5.93 20.21
C ARG I 58 20.40 6.20 19.53
N TRP I 59 20.64 7.46 19.18
CA TRP I 59 21.91 7.87 18.60
C TRP I 59 22.07 9.38 18.75
N LYS I 60 23.28 9.86 18.45
CA LYS I 60 23.71 11.21 18.75
C LYS I 60 24.43 11.79 17.54
N LEU I 61 23.90 12.87 16.98
CA LEU I 61 24.57 13.57 15.88
C LEU I 61 24.89 15.00 16.29
N ASN I 62 26.09 15.46 15.92
CA ASN I 62 26.41 16.88 16.10
C ASN I 62 25.53 17.74 15.21
N SER I 63 25.00 17.17 14.13
CA SER I 63 24.24 17.93 13.14
C SER I 63 22.97 18.51 13.75
N LEU I 64 22.40 17.85 14.76
CA LEU I 64 21.19 18.32 15.42
C LEU I 64 21.47 18.98 16.74
N MET I 65 22.71 19.35 16.97
CA MET I 65 23.05 20.12 18.15
C MET I 65 22.50 21.54 18.02
N TRP I 66 22.11 22.10 19.15
CA TRP I 66 21.70 23.49 19.23
C TRP I 66 21.70 23.88 20.71
N ASP I 67 21.63 25.16 20.95
CA ASP I 67 21.62 25.78 22.25
C ASP I 67 20.24 26.35 22.52
N PRO I 68 19.71 26.23 23.75
CA PRO I 68 18.34 26.70 23.99
C PRO I 68 18.14 28.21 24.01
N ASN I 69 19.17 29.02 24.33
CA ASN I 69 18.92 30.44 24.64
C ASN I 69 18.66 31.28 23.39
N GLU I 70 18.80 30.72 22.19
CA GLU I 70 18.38 31.34 20.94
C GLU I 70 16.97 30.98 20.53
N TYR I 71 16.42 29.90 21.09
CA TYR I 71 15.13 29.38 20.69
C TYR I 71 14.28 29.25 21.95
N GLY I 72 13.88 30.38 22.51
CA GLY I 72 12.97 30.45 23.63
C GLY I 72 13.24 29.50 24.78
N ASN I 73 14.52 29.21 25.06
CA ASN I 73 14.92 28.30 26.15
C ASN I 73 14.25 26.93 25.98
N ILE I 74 14.11 26.46 24.74
CA ILE I 74 13.49 25.17 24.47
C ILE I 74 14.59 24.13 24.28
N THR I 75 14.34 22.92 24.80
CA THR I 75 15.41 21.96 25.00
C THR I 75 15.24 20.65 24.22
N ASP I 76 14.08 20.40 23.59
CA ASP I 76 13.80 19.15 22.90
C ASP I 76 12.48 19.26 22.16
N PHE I 77 12.33 18.47 21.10
CA PHE I 77 11.05 18.47 20.41
C PHE I 77 10.79 17.12 19.75
N ARG I 78 9.54 16.93 19.37
CA ARG I 78 9.12 15.80 18.58
C ARG I 78 8.95 16.19 17.11
N THR I 79 9.46 15.35 16.22
CA THR I 79 9.12 15.44 14.81
C THR I 79 8.93 14.06 14.22
N SER I 80 8.23 14.07 13.10
CA SER I 80 8.13 12.91 12.24
C SER I 80 9.52 12.32 12.01
N ALA I 81 9.65 11.01 12.21
CA ALA I 81 10.91 10.35 11.91
C ALA I 81 11.27 10.46 10.44
N ALA I 82 10.33 10.86 9.58
CA ALA I 82 10.68 11.10 8.18
C ALA I 82 11.61 12.31 8.01
N ASP I 83 11.53 13.27 8.93
CA ASP I 83 12.28 14.52 8.86
C ASP I 83 13.76 14.38 9.17
N ILE I 84 14.21 13.21 9.62
CA ILE I 84 15.57 13.03 10.09
C ILE I 84 16.11 11.72 9.55
N TRP I 85 17.42 11.56 9.66
CA TRP I 85 18.08 10.32 9.35
C TRP I 85 17.78 9.29 10.43
N THR I 86 17.77 8.02 10.05
CA THR I 86 17.46 6.92 10.95
C THR I 86 18.37 5.76 10.60
N PRO I 87 18.80 4.96 11.58
CA PRO I 87 19.67 3.82 11.27
C PRO I 87 18.93 2.72 10.53
N ASP I 88 19.69 1.98 9.72
CA ASP I 88 19.16 0.87 8.93
C ASP I 88 19.23 -0.45 9.68
N ILE I 89 18.94 -0.44 10.98
CA ILE I 89 19.00 -1.68 11.75
C ILE I 89 17.87 -2.59 11.31
N THR I 90 18.18 -3.87 11.12
CA THR I 90 17.31 -4.80 10.41
C THR I 90 17.36 -6.18 11.05
N ALA I 91 16.22 -6.86 11.08
CA ALA I 91 16.24 -8.28 11.38
C ALA I 91 16.84 -9.06 10.21
N TYR I 92 17.74 -9.99 10.52
CA TYR I 92 18.47 -10.67 9.47
C TYR I 92 17.74 -11.89 8.91
N SER I 93 16.80 -12.46 9.67
CA SER I 93 16.05 -13.64 9.27
C SER I 93 14.54 -13.37 9.24
N SER I 94 14.14 -12.16 8.85
CA SER I 94 12.72 -11.88 8.70
C SER I 94 12.17 -12.62 7.48
N THR I 95 10.90 -13.02 7.57
CA THR I 95 10.23 -13.64 6.44
C THR I 95 9.10 -12.80 5.85
N ARG I 96 8.76 -11.67 6.46
CA ARG I 96 7.82 -10.71 5.89
C ARG I 96 8.40 -9.32 6.10
N PRO I 97 7.96 -8.35 5.30
CA PRO I 97 8.26 -6.95 5.65
C PRO I 97 7.64 -6.64 7.01
N VAL I 98 8.42 -6.02 7.90
CA VAL I 98 7.80 -5.76 9.21
C VAL I 98 6.63 -4.82 9.01
N GLN I 99 5.71 -4.83 9.95
CA GLN I 99 4.64 -3.87 9.91
C GLN I 99 4.72 -2.95 11.12
N VAL I 100 4.51 -1.66 10.88
CA VAL I 100 4.55 -0.65 11.93
C VAL I 100 3.18 -0.54 12.59
N LEU I 101 3.16 -0.57 13.92
CA LEU I 101 1.90 -0.52 14.66
C LEU I 101 1.71 0.78 15.41
N SER I 102 2.52 1.80 15.14
CA SER I 102 2.46 3.04 15.89
C SER I 102 2.88 4.17 15.00
N PRO I 103 2.66 5.43 15.40
CA PRO I 103 3.31 6.53 14.70
C PRO I 103 4.81 6.31 14.71
N GLN I 104 5.50 7.00 13.83
CA GLN I 104 6.96 6.96 13.87
C GLN I 104 7.42 8.38 14.15
N ILE I 105 7.54 8.72 15.42
CA ILE I 105 7.89 10.07 15.83
C ILE I 105 9.07 10.04 16.80
N ALA I 106 10.07 10.88 16.53
CA ALA I 106 11.29 10.90 17.31
C ALA I 106 11.37 12.13 18.20
N VAL I 107 12.09 12.00 19.29
CA VAL I 107 12.38 13.12 20.17
C VAL I 107 13.87 13.42 20.07
N VAL I 108 14.20 14.54 19.45
CA VAL I 108 15.57 15.02 19.43
C VAL I 108 15.72 16.13 20.45
N THR I 109 16.82 16.07 21.20
CA THR I 109 17.14 17.00 22.27
C THR I 109 18.48 17.68 21.96
N HIS I 110 18.72 18.84 22.61
CA HIS I 110 19.68 19.85 22.12
C HIS I 110 21.14 19.37 22.09
N ASP I 111 21.53 18.40 22.91
CA ASP I 111 22.85 17.86 22.62
C ASP I 111 22.89 17.03 21.31
N GLY I 112 21.81 16.98 20.54
CA GLY I 112 21.80 16.26 19.30
C GLY I 112 21.57 14.78 19.41
N SER I 113 20.97 14.33 20.50
CA SER I 113 20.58 12.94 20.66
C SER I 113 19.09 12.79 20.38
N VAL I 114 18.73 11.67 19.81
CA VAL I 114 17.36 11.41 19.40
C VAL I 114 16.98 10.01 19.90
N MET I 115 15.74 9.90 20.35
CA MET I 115 15.17 8.64 20.76
C MET I 115 13.94 8.33 19.95
N PHE I 116 13.74 7.05 19.68
CA PHE I 116 12.82 6.64 18.65
C PHE I 116 12.42 5.20 18.97
N ILE I 117 11.20 5.03 19.46
CA ILE I 117 10.71 3.72 19.87
C ILE I 117 9.40 3.42 19.14
N PRO I 118 9.45 2.95 17.90
CA PRO I 118 8.22 2.53 17.23
C PRO I 118 7.81 1.09 17.57
N ALA I 119 6.49 0.84 17.48
CA ALA I 119 5.95 -0.51 17.70
C ALA I 119 5.87 -1.29 16.39
N GLN I 120 6.19 -2.59 16.45
CA GLN I 120 6.40 -3.38 15.24
C GLN I 120 5.86 -4.80 15.40
N ARG I 121 5.48 -5.40 14.27
CA ARG I 121 5.14 -6.83 14.18
C ARG I 121 6.10 -7.49 13.22
N LEU I 122 6.84 -8.47 13.72
CA LEU I 122 7.91 -9.13 12.99
C LEU I 122 7.54 -10.58 12.73
N SER I 123 7.85 -11.10 11.53
CA SER I 123 7.78 -12.53 11.27
C SER I 123 9.18 -13.01 10.91
N PHE I 124 9.67 -14.02 11.64
CA PHE I 124 11.01 -14.52 11.39
C PHE I 124 11.01 -16.04 11.53
N MET I 125 12.18 -16.63 11.26
CA MET I 125 12.33 -18.07 11.14
C MET I 125 12.56 -18.72 12.50
N CYS I 126 11.73 -19.71 12.83
CA CYS I 126 11.91 -20.46 14.06
C CYS I 126 11.20 -21.81 13.96
N ASP I 127 11.88 -22.87 14.41
CA ASP I 127 11.30 -24.19 14.62
C ASP I 127 10.67 -24.22 16.01
N PRO I 128 9.35 -24.25 16.11
CA PRO I 128 8.67 -24.23 17.43
C PRO I 128 8.28 -25.61 17.96
N THR I 129 8.76 -26.71 17.37
CA THR I 129 8.46 -28.03 17.91
C THR I 129 8.92 -28.11 19.36
N GLY I 130 7.96 -28.38 20.25
CA GLY I 130 8.22 -28.45 21.67
C GLY I 130 7.69 -27.30 22.50
N VAL I 131 6.89 -26.39 21.94
CA VAL I 131 6.34 -25.32 22.76
C VAL I 131 5.34 -25.85 23.76
N ASP I 132 4.84 -27.08 23.54
CA ASP I 132 3.99 -27.73 24.55
C ASP I 132 4.82 -28.31 25.70
N SER I 133 6.08 -28.68 25.43
CA SER I 133 7.02 -29.04 26.48
C SER I 133 7.36 -27.81 27.33
N GLU I 134 7.93 -28.06 28.51
CA GLU I 134 8.27 -26.97 29.42
C GLU I 134 9.75 -26.62 29.40
N GLU I 135 10.59 -27.51 28.85
CA GLU I 135 11.80 -27.03 28.23
C GLU I 135 11.46 -25.93 27.25
N GLY I 136 10.21 -25.91 26.77
CA GLY I 136 9.58 -25.04 25.78
C GLY I 136 10.38 -25.17 24.49
N VAL I 137 10.29 -24.15 23.64
CA VAL I 137 11.22 -23.98 22.52
C VAL I 137 11.95 -22.65 22.70
N THR I 138 12.94 -22.45 21.83
CA THR I 138 13.79 -21.27 21.84
C THR I 138 14.01 -20.79 20.42
N CYS I 139 13.70 -19.53 20.18
CA CYS I 139 13.96 -18.83 18.93
C CYS I 139 14.96 -17.76 19.23
N ALA I 140 15.67 -17.34 18.19
CA ALA I 140 16.49 -16.16 18.23
C ALA I 140 16.47 -15.53 16.86
N VAL I 141 16.53 -14.20 16.86
CA VAL I 141 16.61 -13.41 15.64
C VAL I 141 17.67 -12.35 15.91
N LYS I 142 18.56 -12.13 14.94
CA LYS I 142 19.67 -11.20 15.13
C LYS I 142 19.39 -9.90 14.37
N PHE I 143 19.68 -8.78 15.04
CA PHE I 143 19.45 -7.43 14.52
C PHE I 143 20.78 -6.72 14.32
N GLY I 144 21.06 -6.29 13.09
CA GLY I 144 22.21 -5.42 12.90
C GLY I 144 21.97 -4.48 11.75
N SER I 145 22.93 -3.58 11.53
CA SER I 145 22.82 -2.71 10.39
C SER I 145 22.99 -3.50 9.09
N TRP I 146 22.48 -2.93 8.01
CA TRP I 146 22.47 -3.63 6.73
C TRP I 146 23.65 -3.24 5.82
N VAL I 147 24.12 -2.00 5.88
CA VAL I 147 25.20 -1.56 5.02
C VAL I 147 26.39 -1.03 5.79
N TYR I 148 26.27 -0.78 7.09
CA TYR I 148 27.34 -0.19 7.87
C TYR I 148 27.98 -1.24 8.77
N SER I 149 29.30 -1.17 8.90
CA SER I 149 30.05 -2.20 9.61
C SER I 149 30.36 -1.71 11.04
N GLY I 150 31.34 -2.34 11.68
CA GLY I 150 31.68 -1.95 13.04
C GLY I 150 32.40 -0.61 13.13
N PHE I 151 33.10 -0.20 12.06
CA PHE I 151 33.77 1.09 12.11
C PHE I 151 32.86 2.24 11.75
N GLU I 152 31.67 1.99 11.22
CA GLU I 152 30.73 3.07 10.95
C GLU I 152 29.58 3.14 11.95
N ILE I 153 29.01 1.99 12.36
CA ILE I 153 27.94 1.95 13.35
C ILE I 153 28.32 0.98 14.44
N ASP I 154 28.52 1.48 15.65
CA ASP I 154 28.71 0.65 16.84
C ASP I 154 27.35 0.43 17.53
N LEU I 155 27.05 -0.82 17.88
CA LEU I 155 25.72 -1.23 18.30
C LEU I 155 25.71 -1.68 19.75
N LYS I 156 24.96 -0.97 20.59
CA LYS I 156 24.98 -1.20 22.03
C LYS I 156 23.60 -1.54 22.57
N THR I 157 23.59 -2.17 23.75
CA THR I 157 22.39 -2.34 24.56
C THR I 157 22.62 -1.69 25.92
N ASP I 158 21.59 -1.08 26.49
CA ASP I 158 21.72 -0.57 27.84
C ASP I 158 21.70 -1.67 28.88
N THR I 159 21.44 -2.91 28.46
CA THR I 159 21.23 -4.07 29.30
C THR I 159 20.87 -5.23 28.40
N ASP I 160 21.10 -6.44 28.87
CA ASP I 160 20.74 -7.57 28.03
C ASP I 160 19.47 -8.28 28.54
N GLN I 161 18.69 -7.61 29.37
CA GLN I 161 17.41 -8.16 29.82
C GLN I 161 16.31 -7.43 29.08
N VAL I 162 15.66 -8.13 28.14
CA VAL I 162 14.50 -7.57 27.45
C VAL I 162 13.44 -7.17 28.46
N ASP I 163 12.85 -6.00 28.25
CA ASP I 163 11.76 -5.50 29.09
C ASP I 163 10.52 -6.35 28.87
N LEU I 164 10.02 -6.96 29.94
CA LEU I 164 8.78 -7.71 29.88
C LEU I 164 7.66 -7.03 30.66
N SER I 165 7.91 -5.83 31.16
CA SER I 165 6.95 -5.23 32.07
C SER I 165 5.64 -4.88 31.36
N SER I 166 5.63 -4.83 30.03
CA SER I 166 4.36 -4.68 29.32
C SER I 166 3.96 -5.93 28.55
N TYR I 167 4.54 -7.07 28.90
CA TYR I 167 4.19 -8.31 28.20
C TYR I 167 2.78 -8.75 28.57
N TYR I 168 1.99 -9.06 27.54
CA TYR I 168 0.57 -9.31 27.70
C TYR I 168 0.31 -10.45 28.68
N ALA I 169 -0.41 -10.14 29.76
CA ALA I 169 -0.69 -11.13 30.79
C ALA I 169 -1.30 -12.40 30.19
N SER I 170 -2.44 -12.27 29.50
CA SER I 170 -3.25 -13.40 29.06
C SER I 170 -2.81 -13.95 27.70
N SER I 171 -1.53 -13.81 27.36
CA SER I 171 -1.03 -14.33 26.10
C SER I 171 -1.19 -15.85 26.01
N LYS I 172 -1.26 -16.34 24.78
CA LYS I 172 -1.20 -17.76 24.51
C LYS I 172 0.15 -18.38 24.85
N TYR I 173 1.13 -17.59 25.34
CA TYR I 173 2.49 -18.09 25.57
C TYR I 173 3.11 -17.49 26.84
N GLU I 174 3.87 -18.33 27.56
CA GLU I 174 4.71 -17.91 28.66
C GLU I 174 6.09 -17.51 28.14
N ILE I 175 6.68 -16.49 28.75
CA ILE I 175 8.08 -16.17 28.49
C ILE I 175 8.90 -16.70 29.65
N LEU I 176 9.86 -17.57 29.35
CA LEU I 176 10.74 -18.06 30.41
C LEU I 176 12.04 -17.28 30.47
N SER I 177 12.57 -16.90 29.31
CA SER I 177 13.74 -16.03 29.25
C SER I 177 13.61 -15.19 27.99
N ALA I 178 14.05 -13.93 28.09
CA ALA I 178 14.01 -12.98 26.98
C ALA I 178 15.20 -12.04 27.15
N THR I 179 16.22 -12.21 26.31
CA THR I 179 17.43 -11.40 26.47
C THR I 179 17.88 -10.83 25.13
N GLN I 180 18.63 -9.74 25.20
CA GLN I 180 19.13 -9.03 24.03
C GLN I 180 20.64 -8.89 24.19
N THR I 181 21.38 -9.69 23.45
CA THR I 181 22.80 -9.93 23.70
C THR I 181 23.62 -9.26 22.60
N ARG I 182 24.48 -8.33 22.99
CA ARG I 182 25.40 -7.72 22.04
C ARG I 182 26.50 -8.71 21.66
N GLN I 183 26.65 -8.96 20.35
CA GLN I 183 27.63 -9.91 19.83
C GLN I 183 28.46 -9.28 18.72
N VAL I 184 29.78 -9.44 18.79
CA VAL I 184 30.68 -8.94 17.75
C VAL I 184 31.40 -10.13 17.11
N GLN I 185 31.86 -9.94 15.88
CA GLN I 185 32.29 -11.05 15.04
C GLN I 185 33.17 -10.54 13.92
N HIS I 186 34.34 -11.14 13.74
CA HIS I 186 35.25 -10.78 12.65
C HIS I 186 35.33 -11.91 11.64
N TYR I 187 35.86 -11.58 10.46
CA TYR I 187 35.90 -12.50 9.33
C TYR I 187 37.32 -12.73 8.84
N SER I 188 37.52 -13.95 8.35
CA SER I 188 38.60 -14.35 7.45
C SER I 188 39.31 -13.18 6.79
N CYS I 189 38.69 -12.66 5.72
CA CYS I 189 39.30 -11.68 4.83
C CYS I 189 39.60 -10.35 5.48
N CYS I 190 39.00 -10.05 6.62
CA CYS I 190 38.63 -8.67 6.79
C CYS I 190 38.88 -8.05 8.16
N PRO I 191 39.25 -6.77 8.18
CA PRO I 191 39.49 -6.08 9.45
C PRO I 191 38.22 -5.75 10.22
N GLU I 192 37.13 -5.45 9.51
CA GLU I 192 35.97 -4.85 10.15
C GLU I 192 35.34 -5.83 11.13
N PRO I 193 34.90 -5.34 12.30
CA PRO I 193 33.94 -6.09 13.10
C PRO I 193 32.52 -5.86 12.60
N TYR I 194 31.70 -6.88 12.76
CA TYR I 194 30.30 -6.82 12.36
C TYR I 194 29.45 -7.18 13.56
N ILE I 195 28.72 -6.19 14.07
CA ILE I 195 28.02 -6.28 15.35
C ILE I 195 26.53 -6.52 15.12
N ASP I 196 25.88 -7.13 16.11
CA ASP I 196 24.46 -7.45 16.04
C ASP I 196 23.94 -7.78 17.44
N VAL I 197 22.70 -7.42 17.72
CA VAL I 197 22.07 -7.80 18.98
C VAL I 197 21.32 -9.10 18.75
N ASN I 198 21.60 -10.08 19.60
CA ASN I 198 20.93 -11.37 19.49
C ASN I 198 19.77 -11.36 20.48
N LEU I 199 18.57 -11.38 19.94
CA LEU I 199 17.35 -11.39 20.73
C LEU I 199 16.90 -12.85 20.83
N VAL I 200 16.99 -13.40 22.03
CA VAL I 200 16.80 -14.83 22.28
C VAL I 200 15.65 -14.99 23.27
N VAL I 201 14.65 -15.78 22.88
CA VAL I 201 13.42 -15.97 23.66
C VAL I 201 13.22 -17.45 23.95
N LYS I 202 13.11 -17.81 25.25
CA LYS I 202 12.56 -19.10 25.65
C LYS I 202 11.07 -18.91 26.00
N PHE I 203 10.20 -19.67 25.34
CA PHE I 203 8.77 -19.55 25.62
C PHE I 203 8.09 -20.90 25.51
N ARG I 204 6.86 -20.95 26.01
CA ARG I 204 6.08 -22.17 26.06
C ARG I 204 4.60 -21.82 26.06
N GLU I 205 3.76 -22.80 25.71
CA GLU I 205 2.34 -22.62 25.85
C GLU I 205 1.98 -22.50 27.33
N ARG I 206 0.99 -21.67 27.62
CA ARG I 206 0.64 -21.38 29.00
C ARG I 206 0.18 -22.62 29.75
N ARG I 207 0.82 -22.87 30.89
CA ARG I 207 0.26 -23.73 31.92
C ARG I 207 -0.48 -22.83 32.92
N GLY J 1 33.92 -16.03 5.56
CA GLY J 1 32.47 -16.21 5.47
C GLY J 1 31.72 -14.90 5.32
N CYS J 2 32.40 -13.92 4.72
CA CYS J 2 31.95 -12.54 4.71
C CYS J 2 30.84 -12.31 3.68
N CYS J 3 30.83 -13.03 2.56
CA CYS J 3 29.82 -12.81 1.53
C CYS J 3 28.44 -13.29 1.92
N SER J 4 28.32 -14.00 3.04
CA SER J 4 27.04 -14.37 3.64
C SER J 4 26.41 -13.24 4.43
N HIS J 5 27.12 -12.12 4.58
CA HIS J 5 26.68 -11.01 5.40
C HIS J 5 26.36 -9.81 4.53
N PRO J 6 25.16 -9.24 4.66
CA PRO J 6 24.72 -8.18 3.74
C PRO J 6 25.60 -6.95 3.73
N ALA J 7 26.29 -6.66 4.84
CA ALA J 7 27.07 -5.45 4.98
C ALA J 7 28.53 -5.67 4.79
N CYS J 8 29.02 -6.89 5.04
CA CYS J 8 30.36 -7.24 4.61
C CYS J 8 30.42 -7.40 3.09
N ASN J 9 29.37 -7.99 2.51
CA ASN J 9 29.33 -8.16 1.06
C ASN J 9 29.39 -6.81 0.35
N VAL J 10 28.48 -5.90 0.69
CA VAL J 10 28.36 -4.67 -0.08
C VAL J 10 29.60 -3.78 0.07
N ALA J 11 30.45 -4.05 1.05
CA ALA J 11 31.65 -3.25 1.24
C ALA J 11 32.88 -3.89 0.63
N HIS J 12 32.80 -5.14 0.17
CA HIS J 12 33.95 -5.90 -0.29
C HIS J 12 33.64 -6.55 -1.65
N PRO J 13 33.56 -5.74 -2.72
CA PRO J 13 33.31 -6.32 -4.05
C PRO J 13 34.36 -7.33 -4.47
N GLU J 14 35.62 -7.11 -4.11
CA GLU J 14 36.70 -7.95 -4.61
C GLU J 14 36.57 -9.40 -4.16
N ILE J 15 36.07 -9.64 -2.95
CA ILE J 15 35.90 -11.01 -2.46
C ILE J 15 34.58 -11.62 -2.94
N CYS J 16 33.53 -10.81 -3.04
CA CYS J 16 32.17 -11.35 -3.12
C CYS J 16 31.50 -11.14 -4.49
N NH2 J 17 30.64 -12.09 -4.86
#